data_8IA7
#
_entry.id   8IA7
#
_cell.length_a   1.00
_cell.length_b   1.00
_cell.length_c   1.00
_cell.angle_alpha   90.00
_cell.angle_beta   90.00
_cell.angle_gamma   90.00
#
_symmetry.space_group_name_H-M   'P 1'
#
loop_
_entity.id
_entity.type
_entity.pdbx_description
1 polymer 'Gastrin/cholecystokinin type B receptor'
2 polymer 'Guanine nucleotide-binding protein G(I)/G(S)/G(T) subunit beta-1'
3 polymer 'Guanine nucleotide-binding protein G(I)/G(S)/G(O) subunit gamma-2'
4 polymer scfv16
5 polymer 'Guanine nucleotide-binding protein G(q) subunit alpha'
6 polymer CCK-8
#
loop_
_entity_poly.entity_id
_entity_poly.type
_entity_poly.pdbx_seq_one_letter_code
_entity_poly.pdbx_strand_id
1 'polypeptide(L)'
;MELLKLNRSVQGTGPGPGASLCRPGAPLLNSSSVGNLSCEPPRIRGAGTRELELAIRITLYAVIFLMSVGGNMLIIVVLG
LSRRLRTVTNAFLLSLAVSDLLLAVACMPFTLLPNLMGTFIFGTVICKAVSYLMGVSVSVSTLSLVAIALERYSAICRPL
QARVWQTRSHAARVIVATWLLSGLLMVPYPVYTVVQPVGPRVLQCVHRWPSARVRQTWSVLLLLLLFFIPGVVMAVAYGL
ISRELYLGLRFDGDSDSDSQSRVRNQGGLPGAVHQNGRCRPETGAVGEDSDGCYVQLPRSRPALELTALTAPGPGSGSRP
TQAKLLAKKRVVRMLLVIVVLFFLCWLPVYSANTWRAFDGPGAHRALSGAPISFIHLLSYASACVNPLVYCFMHRRFRQA
CLETCARCCPRPPRARPRALPDEDPPTPSIASLSRLSYTTISTLGPG
;
R
2 'polypeptide(L)'
;MGSLLQSELDQLRQEAEQLKNQIRDARKACADATLSQITNNIDPVGRIQMRTRRTLRGHLAKIYAMHWGTDSRLLVSASQ
DGKLIIWDSYTTNKVHAIPLRSSWVMTCAYAPSGNYVACGGLDNICSIYNLKTREGNVRVSRELAGHTGYLSCCRFLDDN
QIVTSSGDTTCALWDIETGQQTTTFTGHTGDVMSLSLAPDTRLFVSGACDASAKLWDVREGMCRQTFTGHESDINAICFF
PNGNAFATGSDDATCRLFDLRADQELMTYSHDNIICGITSVSFSKSGRLLLAGYDDFNCNVWDALKADRAGVLAGHDNRV
SCLGVTDDGMAVATGSWDSFLKIWN
;
B
3 'polypeptide(L)' ASNNTASIAQARKLVEQLKMEANIDRIKVSKAAADLMAYCEAHAKEDPLLTPVPASENPFREKKFFCAIL C
4 'polypeptide(L)'
;DVQLVESGGGLVQPGGSRKLSCSASGFAFSSFGMHWVRQAPEKGLEWVAYISSGSGTIYYADTVKGRFTISRDDPKNTLF
LQMTSLRSEDTAMYYCVRSIYYYGSSPFDFWGQGTTLTVSSGGGGSGGGGSGGGGSDIVMTQATSSVPVTPGESVSISCR
SSKSLLHSNGNTYLYWFLQRPGQSPQLLIYRMSNLASGVPDRFSGSGSGTAFTLTISRLEAEDVGVYYCMQHLEYPLTFG
AGTKLELKGSLEVLFQGPAAAHHHHHHHH
;
E
5 'polypeptide(L)'
;MGCTLSAEDKAAVERSKMIDRNLREDGEKARRELKLLLLGTGESGKSTFIKQMRIIHGSGYSDEDKRGFTKLVYQNIFTA
MQAMIRAMDTLKIPYKYEHNKAHAQLVREVDVEKVSAFENPYVDAIKSLWNDPGIQECYDRRREYQLSDSTKYYLNDLDR
VADPAYLPTQQDVLRVRVPTTGIIEYPFDLQSVIFRMVDVGGQRSERRKWIHCFENVTSIMFLVALSEYDQVLVESDNEN
RMEESKALFRTIITYPWFQNSSVILFLNKKDLLEEKIMYSHLVDYFPEYDGPQRDAQAAREFILKMFVDLNPDSDKIIYS
HFTCATDTENIRFVFAAVKDTILQLNLKEYNLV
;
A
6 'polypeptide(L)' D(TYS)MGWMDF(NH2) L
#
loop_
_chem_comp.id
_chem_comp.type
_chem_comp.name
_chem_comp.formula
NH2 non-polymer 'AMINO GROUP' 'H2 N'
#
# COMPACT_ATOMS: atom_id res chain seq x y z
N GLU A 53 -29.90 -8.51 -55.48
CA GLU A 53 -31.15 -7.86 -55.11
C GLU A 53 -31.04 -7.22 -53.72
N LEU A 54 -32.04 -7.49 -52.88
CA LEU A 54 -32.04 -6.98 -51.52
C LEU A 54 -31.78 -8.07 -50.49
N ALA A 55 -31.81 -9.34 -50.89
CA ALA A 55 -31.56 -10.42 -49.95
C ALA A 55 -30.13 -10.38 -49.43
N ILE A 56 -29.17 -10.10 -50.31
CA ILE A 56 -27.77 -10.03 -49.88
C ILE A 56 -27.55 -8.83 -48.97
N ARG A 57 -28.28 -7.73 -49.21
CA ARG A 57 -28.13 -6.54 -48.39
C ARG A 57 -28.57 -6.80 -46.95
N ILE A 58 -29.79 -7.32 -46.78
CA ILE A 58 -30.29 -7.61 -45.45
C ILE A 58 -29.50 -8.75 -44.81
N THR A 59 -28.99 -9.66 -45.65
CA THR A 59 -28.14 -10.74 -45.13
C THR A 59 -26.88 -10.17 -44.47
N LEU A 60 -26.16 -9.31 -45.21
CA LEU A 60 -24.95 -8.70 -44.66
C LEU A 60 -25.29 -7.84 -43.45
N TYR A 61 -26.41 -7.13 -43.50
CA TYR A 61 -26.82 -6.32 -42.35
C TYR A 61 -27.05 -7.17 -41.11
N ALA A 62 -27.79 -8.28 -41.24
CA ALA A 62 -28.03 -9.15 -40.10
C ALA A 62 -26.71 -9.74 -39.60
N VAL A 63 -25.83 -10.14 -40.51
CA VAL A 63 -24.55 -10.72 -40.13
C VAL A 63 -23.75 -9.72 -39.30
N ILE A 64 -23.57 -8.51 -39.82
CA ILE A 64 -22.75 -7.53 -39.11
C ILE A 64 -23.43 -7.08 -37.83
N PHE A 65 -24.76 -7.03 -37.81
CA PHE A 65 -25.47 -6.63 -36.61
C PHE A 65 -25.25 -7.63 -35.48
N LEU A 66 -25.50 -8.91 -35.76
CA LEU A 66 -25.29 -9.93 -34.74
C LEU A 66 -23.82 -9.99 -34.31
N MET A 67 -22.89 -9.94 -35.27
CA MET A 67 -21.48 -10.04 -34.91
C MET A 67 -21.05 -8.86 -34.04
N SER A 68 -21.43 -7.65 -34.45
CA SER A 68 -21.07 -6.46 -33.68
C SER A 68 -21.65 -6.51 -32.28
N VAL A 69 -22.96 -6.76 -32.17
CA VAL A 69 -23.59 -6.71 -30.85
C VAL A 69 -23.03 -7.80 -29.95
N GLY A 70 -22.77 -8.99 -30.51
CA GLY A 70 -22.26 -10.08 -29.68
C GLY A 70 -20.84 -9.84 -29.23
N GLY A 71 -19.94 -9.49 -30.15
CA GLY A 71 -18.58 -9.18 -29.77
C GLY A 71 -18.51 -8.06 -28.75
N ASN A 72 -19.33 -7.02 -28.95
CA ASN A 72 -19.28 -5.88 -28.05
C ASN A 72 -19.77 -6.26 -26.65
N MET A 73 -20.89 -6.98 -26.55
CA MET A 73 -21.37 -7.34 -25.21
C MET A 73 -20.39 -8.30 -24.53
N LEU A 74 -19.77 -9.19 -25.31
CA LEU A 74 -18.79 -10.10 -24.75
C LEU A 74 -17.60 -9.34 -24.18
N ILE A 75 -17.07 -8.38 -24.95
CA ILE A 75 -15.93 -7.61 -24.47
C ILE A 75 -16.29 -6.77 -23.27
N ILE A 76 -17.48 -6.13 -23.27
CA ILE A 76 -17.88 -5.35 -22.11
C ILE A 76 -17.96 -6.22 -20.87
N VAL A 77 -18.67 -7.34 -20.97
CA VAL A 77 -18.88 -8.16 -19.78
C VAL A 77 -17.57 -8.76 -19.29
N VAL A 78 -16.67 -9.13 -20.21
CA VAL A 78 -15.39 -9.69 -19.81
C VAL A 78 -14.53 -8.64 -19.14
N LEU A 79 -14.30 -7.51 -19.83
CA LEU A 79 -13.38 -6.51 -19.34
C LEU A 79 -13.93 -5.78 -18.11
N GLY A 80 -15.24 -5.90 -17.87
CA GLY A 80 -15.82 -5.33 -16.67
C GLY A 80 -15.82 -6.29 -15.50
N LEU A 81 -16.10 -7.57 -15.77
CA LEU A 81 -16.18 -8.58 -14.72
C LEU A 81 -14.94 -9.45 -14.64
N SER A 82 -13.80 -9.00 -15.18
CA SER A 82 -12.57 -9.75 -15.01
C SER A 82 -11.83 -9.33 -13.73
N ARG A 83 -11.77 -8.02 -13.50
CA ARG A 83 -11.24 -7.44 -12.26
C ARG A 83 -9.72 -7.56 -12.19
N ARG A 84 -9.13 -8.26 -13.17
CA ARG A 84 -7.68 -8.37 -13.22
C ARG A 84 -7.10 -7.76 -14.49
N LEU A 85 -7.92 -7.55 -15.51
CA LEU A 85 -7.49 -6.92 -16.76
C LEU A 85 -7.77 -5.43 -16.66
N ARG A 86 -6.92 -4.73 -15.90
CA ARG A 86 -7.08 -3.29 -15.70
C ARG A 86 -5.86 -2.53 -16.22
N THR A 87 -5.38 -2.90 -17.40
CA THR A 87 -4.25 -2.21 -18.00
C THR A 87 -4.67 -0.83 -18.49
N VAL A 88 -3.72 -0.13 -19.10
CA VAL A 88 -3.99 1.22 -19.58
C VAL A 88 -4.72 1.17 -20.92
N THR A 89 -4.46 0.14 -21.71
CA THR A 89 -5.12 0.02 -23.01
C THR A 89 -6.48 -0.64 -22.87
N ASN A 90 -6.70 -1.40 -21.81
CA ASN A 90 -7.98 -2.11 -21.66
C ASN A 90 -9.10 -1.15 -21.33
N ALA A 91 -8.79 -0.04 -20.66
CA ALA A 91 -9.80 1.00 -20.46
C ALA A 91 -10.25 1.60 -21.80
N PHE A 92 -9.28 1.93 -22.66
CA PHE A 92 -9.63 2.45 -23.98
C PHE A 92 -10.41 1.43 -24.79
N LEU A 93 -10.05 0.14 -24.67
CA LEU A 93 -10.78 -0.88 -25.42
C LEU A 93 -12.19 -1.06 -24.86
N LEU A 94 -12.38 -0.91 -23.56
CA LEU A 94 -13.72 -0.98 -22.99
C LEU A 94 -14.57 0.19 -23.48
N SER A 95 -14.01 1.39 -23.47
CA SER A 95 -14.73 2.54 -24.00
C SER A 95 -15.08 2.34 -25.47
N LEU A 96 -14.13 1.79 -26.24
CA LEU A 96 -14.38 1.55 -27.66
C LEU A 96 -15.48 0.52 -27.87
N ALA A 97 -15.48 -0.55 -27.06
CA ALA A 97 -16.49 -1.59 -27.20
C ALA A 97 -17.87 -1.06 -26.83
N VAL A 98 -17.95 -0.22 -25.78
CA VAL A 98 -19.24 0.34 -25.39
C VAL A 98 -19.76 1.28 -26.47
N SER A 99 -18.90 2.19 -26.96
CA SER A 99 -19.32 3.09 -28.02
C SER A 99 -19.67 2.32 -29.29
N ASP A 100 -19.05 1.17 -29.51
CA ASP A 100 -19.32 0.40 -30.71
C ASP A 100 -20.65 -0.34 -30.61
N LEU A 101 -20.96 -0.87 -29.42
CA LEU A 101 -22.30 -1.43 -29.19
C LEU A 101 -23.37 -0.37 -29.40
N LEU A 102 -23.14 0.83 -28.84
CA LEU A 102 -24.06 1.93 -29.06
C LEU A 102 -24.18 2.26 -30.54
N LEU A 103 -23.06 2.27 -31.27
CA LEU A 103 -23.08 2.52 -32.70
C LEU A 103 -23.98 1.53 -33.42
N ALA A 104 -23.74 0.23 -33.22
CA ALA A 104 -24.57 -0.79 -33.85
C ALA A 104 -26.04 -0.56 -33.52
N VAL A 105 -26.37 -0.58 -32.23
CA VAL A 105 -27.77 -0.57 -31.80
C VAL A 105 -28.49 0.66 -32.31
N ALA A 106 -27.83 1.82 -32.26
CA ALA A 106 -28.50 3.07 -32.66
C ALA A 106 -28.58 3.20 -34.18
N CYS A 107 -27.45 3.06 -34.86
CA CYS A 107 -27.40 3.43 -36.27
C CYS A 107 -27.96 2.35 -37.20
N MET A 108 -27.69 1.07 -36.94
CA MET A 108 -27.96 0.08 -37.98
C MET A 108 -29.44 -0.09 -38.30
N PRO A 109 -30.32 -0.39 -37.33
CA PRO A 109 -31.73 -0.60 -37.69
C PRO A 109 -32.44 0.66 -38.12
N PHE A 110 -32.13 1.80 -37.50
CA PHE A 110 -32.80 3.06 -37.77
C PHE A 110 -32.20 3.70 -39.01
N THR A 111 -31.44 2.90 -39.77
CA THR A 111 -30.96 3.30 -41.08
C THR A 111 -31.45 2.28 -42.10
N LEU A 112 -31.49 1.01 -41.70
CA LEU A 112 -31.95 -0.04 -42.61
C LEU A 112 -33.47 -0.01 -42.78
N LEU A 113 -34.20 -0.17 -41.67
CA LEU A 113 -35.66 -0.27 -41.74
C LEU A 113 -36.30 0.95 -42.43
N PRO A 114 -35.88 2.18 -42.11
CA PRO A 114 -36.42 3.31 -42.89
C PRO A 114 -36.01 3.30 -44.35
N ASN A 115 -35.00 2.51 -44.72
CA ASN A 115 -34.58 2.46 -46.11
C ASN A 115 -35.36 1.41 -46.89
N LEU A 116 -35.79 0.35 -46.21
CA LEU A 116 -36.58 -0.68 -46.88
C LEU A 116 -38.05 -0.29 -46.93
N MET A 117 -38.61 0.14 -45.80
CA MET A 117 -40.03 0.50 -45.74
C MET A 117 -40.38 1.69 -46.62
N GLY A 118 -39.38 2.43 -47.10
CA GLY A 118 -39.61 3.60 -47.91
C GLY A 118 -39.96 4.85 -47.12
N THR A 119 -40.40 4.70 -45.87
CA THR A 119 -40.76 5.81 -45.02
C THR A 119 -40.05 5.68 -43.67
N PHE A 120 -40.13 6.74 -42.88
CA PHE A 120 -39.60 6.76 -41.52
C PHE A 120 -40.76 6.98 -40.56
N ILE A 121 -41.30 5.88 -40.04
CA ILE A 121 -42.47 5.93 -39.17
C ILE A 121 -42.11 6.32 -37.74
N PHE A 122 -40.85 6.21 -37.34
CA PHE A 122 -40.44 6.26 -35.95
C PHE A 122 -40.68 7.61 -35.27
N GLY A 123 -40.84 8.70 -36.02
CA GLY A 123 -41.23 9.97 -35.43
C GLY A 123 -40.07 10.88 -35.07
N THR A 124 -40.45 12.08 -34.61
CA THR A 124 -39.48 13.16 -34.41
C THR A 124 -38.55 12.86 -33.24
N VAL A 125 -39.09 12.42 -32.11
CA VAL A 125 -38.27 12.17 -30.94
C VAL A 125 -37.27 11.06 -31.22
N ILE A 126 -37.73 9.98 -31.83
CA ILE A 126 -36.84 8.86 -32.15
C ILE A 126 -35.79 9.30 -33.16
N CYS A 127 -36.18 10.10 -34.16
CA CYS A 127 -35.21 10.54 -35.16
C CYS A 127 -34.12 11.40 -34.52
N LYS A 128 -34.53 12.31 -33.66
CA LYS A 128 -33.59 13.19 -32.99
C LYS A 128 -32.63 12.39 -32.10
N ALA A 129 -33.17 11.47 -31.32
CA ALA A 129 -32.35 10.65 -30.44
C ALA A 129 -31.36 9.80 -31.22
N VAL A 130 -31.83 9.17 -32.30
CA VAL A 130 -30.95 8.32 -33.09
C VAL A 130 -29.88 9.13 -33.79
N SER A 131 -30.21 10.32 -34.29
CA SER A 131 -29.19 11.14 -34.93
C SER A 131 -28.12 11.57 -33.93
N TYR A 132 -28.54 11.98 -32.73
CA TYR A 132 -27.55 12.35 -31.72
C TYR A 132 -26.68 11.16 -31.34
N LEU A 133 -27.28 9.97 -31.23
CA LEU A 133 -26.49 8.80 -30.86
C LEU A 133 -25.50 8.43 -31.96
N MET A 134 -25.92 8.46 -33.22
CA MET A 134 -25.00 8.24 -34.33
C MET A 134 -23.83 9.20 -34.26
N GLY A 135 -24.12 10.51 -34.20
CA GLY A 135 -23.07 11.50 -34.20
C GLY A 135 -22.12 11.38 -33.03
N VAL A 136 -22.65 11.05 -31.84
CA VAL A 136 -21.78 10.90 -30.68
C VAL A 136 -20.89 9.67 -30.84
N SER A 137 -21.49 8.53 -31.22
CA SER A 137 -20.74 7.29 -31.19
C SER A 137 -19.68 7.23 -32.28
N VAL A 138 -19.94 7.80 -33.46
CA VAL A 138 -18.95 7.76 -34.52
C VAL A 138 -17.70 8.54 -34.09
N SER A 139 -17.88 9.73 -33.53
CA SER A 139 -16.74 10.53 -33.13
C SER A 139 -16.05 9.94 -31.91
N VAL A 140 -16.81 9.28 -31.03
CA VAL A 140 -16.18 8.64 -29.88
C VAL A 140 -15.29 7.48 -30.34
N SER A 141 -15.78 6.68 -31.28
CA SER A 141 -14.96 5.58 -31.80
C SER A 141 -13.71 6.11 -32.48
N THR A 142 -13.84 7.16 -33.30
CA THR A 142 -12.68 7.71 -33.98
C THR A 142 -11.65 8.25 -32.99
N LEU A 143 -12.09 9.07 -32.04
CA LEU A 143 -11.17 9.64 -31.08
C LEU A 143 -10.58 8.57 -30.17
N SER A 144 -11.30 7.47 -29.92
CA SER A 144 -10.74 6.39 -29.13
C SER A 144 -9.65 5.66 -29.91
N LEU A 145 -9.84 5.47 -31.21
CA LEU A 145 -8.78 4.88 -32.02
C LEU A 145 -7.54 5.77 -32.02
N VAL A 146 -7.75 7.08 -32.15
CA VAL A 146 -6.61 8.00 -32.14
C VAL A 146 -5.90 7.98 -30.78
N ALA A 147 -6.68 7.92 -29.70
CA ALA A 147 -6.08 7.87 -28.37
C ALA A 147 -5.27 6.60 -28.17
N ILE A 148 -5.79 5.46 -28.65
CA ILE A 148 -5.03 4.22 -28.56
C ILE A 148 -3.74 4.32 -29.35
N ALA A 149 -3.79 4.94 -30.53
CA ALA A 149 -2.59 5.06 -31.35
C ALA A 149 -1.54 5.94 -30.65
N LEU A 150 -1.99 7.04 -30.06
CA LEU A 150 -1.05 7.94 -29.38
C LEU A 150 -0.48 7.30 -28.12
N GLU A 151 -1.30 6.53 -27.39
CA GLU A 151 -0.79 5.83 -26.22
C GLU A 151 0.24 4.79 -26.62
N ARG A 152 -0.03 4.03 -27.69
CA ARG A 152 0.95 3.05 -28.17
C ARG A 152 2.24 3.73 -28.60
N TYR A 153 2.13 4.90 -29.25
CA TYR A 153 3.32 5.64 -29.64
C TYR A 153 4.14 6.05 -28.42
N SER A 154 3.48 6.65 -27.43
CA SER A 154 4.21 7.07 -26.24
C SER A 154 4.81 5.89 -25.49
N ALA A 155 4.15 4.73 -25.54
CA ALA A 155 4.60 3.60 -24.75
C ALA A 155 5.74 2.86 -25.42
N ILE A 156 5.79 2.88 -26.76
CA ILE A 156 6.77 2.06 -27.46
C ILE A 156 7.95 2.89 -27.94
N CYS A 157 7.73 4.18 -28.18
CA CYS A 157 8.81 4.99 -28.75
C CYS A 157 9.62 5.69 -27.66
N ARG A 158 8.99 5.98 -26.53
CA ARG A 158 9.68 6.56 -25.38
C ARG A 158 9.16 5.89 -24.12
N PRO A 159 9.69 4.71 -23.78
CA PRO A 159 9.11 3.96 -22.66
C PRO A 159 9.40 4.57 -21.30
N LEU A 160 10.63 5.05 -21.08
CA LEU A 160 11.01 5.54 -19.77
C LEU A 160 10.30 6.85 -19.43
N GLN A 161 10.32 7.80 -20.37
CA GLN A 161 9.70 9.09 -20.11
C GLN A 161 8.19 8.99 -20.02
N ALA A 162 7.60 7.98 -20.68
CA ALA A 162 6.15 7.81 -20.62
C ALA A 162 5.72 6.96 -19.44
N ARG A 163 6.64 6.19 -18.85
CA ARG A 163 6.33 5.42 -17.65
C ARG A 163 5.87 6.31 -16.51
N VAL A 164 6.30 7.56 -16.49
CA VAL A 164 5.94 8.53 -15.47
C VAL A 164 4.43 8.66 -15.32
N TRP A 165 3.74 8.99 -16.42
CA TRP A 165 2.34 9.39 -16.34
C TRP A 165 1.36 8.38 -16.89
N GLN A 166 1.80 7.35 -17.62
CA GLN A 166 0.86 6.37 -18.17
C GLN A 166 0.35 5.47 -17.06
N THR A 167 -0.67 5.95 -16.36
CA THR A 167 -1.39 5.19 -15.36
C THR A 167 -2.86 5.17 -15.72
N ARG A 168 -3.61 4.27 -15.07
CA ARG A 168 -5.03 4.10 -15.40
C ARG A 168 -5.83 5.36 -15.15
N SER A 169 -5.39 6.21 -14.21
CA SER A 169 -6.08 7.48 -13.98
C SER A 169 -6.02 8.37 -15.23
N HIS A 170 -4.86 8.39 -15.89
CA HIS A 170 -4.74 9.14 -17.13
C HIS A 170 -5.66 8.59 -18.21
N ALA A 171 -5.77 7.26 -18.29
CA ALA A 171 -6.67 6.65 -19.26
C ALA A 171 -8.12 7.06 -18.99
N ALA A 172 -8.54 7.03 -17.72
CA ALA A 172 -9.91 7.40 -17.40
C ALA A 172 -10.17 8.87 -17.68
N ARG A 173 -9.20 9.74 -17.35
CA ARG A 173 -9.34 11.16 -17.66
C ARG A 173 -9.50 11.37 -19.17
N VAL A 174 -8.69 10.69 -19.97
CA VAL A 174 -8.75 10.87 -21.41
C VAL A 174 -10.06 10.33 -21.96
N ILE A 175 -10.55 9.21 -21.42
CA ILE A 175 -11.81 8.64 -21.90
C ILE A 175 -12.97 9.59 -21.62
N VAL A 176 -13.04 10.10 -20.39
CA VAL A 176 -14.16 10.98 -20.05
C VAL A 176 -14.06 12.30 -20.82
N ALA A 177 -12.84 12.78 -21.08
CA ALA A 177 -12.69 13.98 -21.89
C ALA A 177 -13.12 13.73 -23.33
N THR A 178 -12.80 12.56 -23.88
CA THR A 178 -13.25 12.21 -25.22
C THR A 178 -14.77 12.20 -25.31
N TRP A 179 -15.42 11.53 -24.35
CA TRP A 179 -16.88 11.45 -24.39
C TRP A 179 -17.51 12.82 -24.23
N LEU A 180 -16.98 13.65 -23.33
CA LEU A 180 -17.54 14.98 -23.13
C LEU A 180 -17.37 15.85 -24.37
N LEU A 181 -16.19 15.81 -24.99
CA LEU A 181 -15.97 16.59 -26.20
C LEU A 181 -16.87 16.12 -27.34
N SER A 182 -17.08 14.81 -27.46
CA SER A 182 -17.98 14.31 -28.50
C SER A 182 -19.41 14.77 -28.26
N GLY A 183 -19.88 14.68 -27.01
CA GLY A 183 -21.23 15.11 -26.70
C GLY A 183 -21.43 16.60 -26.91
N LEU A 184 -20.40 17.39 -26.63
CA LEU A 184 -20.50 18.83 -26.88
C LEU A 184 -20.44 19.13 -28.37
N LEU A 185 -19.71 18.32 -29.15
CA LEU A 185 -19.56 18.57 -30.57
C LEU A 185 -20.81 18.22 -31.36
N MET A 186 -21.49 17.13 -31.02
CA MET A 186 -22.53 16.59 -31.88
C MET A 186 -23.95 16.99 -31.48
N VAL A 187 -24.14 18.12 -30.82
CA VAL A 187 -25.48 18.66 -30.55
C VAL A 187 -26.17 19.24 -31.79
N PRO A 188 -25.46 19.84 -32.77
CA PRO A 188 -26.20 20.37 -33.92
C PRO A 188 -26.93 19.32 -34.73
N TYR A 189 -26.78 18.05 -34.41
CA TYR A 189 -27.54 17.06 -35.18
C TYR A 189 -29.03 17.09 -34.79
N PRO A 190 -29.34 16.79 -33.53
CA PRO A 190 -30.70 16.76 -32.99
C PRO A 190 -31.38 18.11 -33.10
N VAL A 191 -30.63 19.18 -32.88
CA VAL A 191 -31.19 20.53 -32.93
C VAL A 191 -31.74 20.84 -34.31
N TYR A 192 -31.04 20.41 -35.36
CA TYR A 192 -31.49 20.68 -36.71
C TYR A 192 -32.16 19.48 -37.38
N THR A 193 -32.48 18.45 -36.60
CA THR A 193 -33.17 17.28 -37.17
C THR A 193 -34.71 17.23 -37.09
N VAL A 194 -35.38 17.97 -37.98
CA VAL A 194 -36.84 17.95 -38.08
C VAL A 194 -37.29 16.83 -39.01
N VAL A 195 -38.58 16.51 -38.95
CA VAL A 195 -39.17 15.46 -39.76
C VAL A 195 -40.13 16.13 -40.73
N GLN A 196 -39.81 16.08 -42.02
CA GLN A 196 -40.63 16.71 -43.05
C GLN A 196 -41.01 15.70 -44.12
N PRO A 197 -42.30 15.58 -44.47
CA PRO A 197 -42.68 14.68 -45.57
C PRO A 197 -42.68 15.37 -46.93
N VAL A 198 -41.98 14.79 -47.89
CA VAL A 198 -42.07 15.25 -49.28
C VAL A 198 -42.98 14.28 -50.02
N GLY A 199 -44.28 14.57 -50.02
CA GLY A 199 -45.26 13.69 -50.59
C GLY A 199 -46.26 13.20 -49.56
N PRO A 200 -47.03 12.16 -49.90
CA PRO A 200 -48.08 11.69 -48.99
C PRO A 200 -47.57 11.07 -47.70
N ARG A 201 -46.75 10.02 -47.78
CA ARG A 201 -46.46 9.17 -46.63
C ARG A 201 -44.99 8.74 -46.57
N VAL A 202 -44.07 9.68 -46.82
CA VAL A 202 -42.65 9.34 -46.75
C VAL A 202 -42.03 9.80 -45.43
N LEU A 203 -42.18 11.09 -45.13
CA LEU A 203 -41.77 11.75 -43.89
C LEU A 203 -40.25 11.91 -43.78
N GLN A 204 -39.50 11.19 -44.61
CA GLN A 204 -38.15 11.56 -45.06
C GLN A 204 -37.36 12.34 -44.01
N CYS A 205 -37.16 11.73 -42.83
CA CYS A 205 -36.46 12.45 -41.76
C CYS A 205 -35.04 12.78 -42.18
N VAL A 206 -34.76 14.06 -42.41
CA VAL A 206 -33.46 14.53 -42.83
C VAL A 206 -33.05 15.71 -41.96
N HIS A 207 -31.86 16.24 -42.23
CA HIS A 207 -31.30 17.36 -41.48
C HIS A 207 -31.57 18.65 -42.26
N ARG A 208 -32.50 19.46 -41.77
CA ARG A 208 -32.76 20.77 -42.35
C ARG A 208 -31.83 21.76 -41.67
N TRP A 209 -30.63 21.89 -42.20
CA TRP A 209 -29.68 22.87 -41.66
C TRP A 209 -30.19 24.27 -41.94
N PRO A 210 -29.85 25.25 -41.06
CA PRO A 210 -30.38 26.61 -41.20
C PRO A 210 -30.35 27.18 -42.61
N SER A 211 -29.16 27.23 -43.21
CA SER A 211 -29.04 27.77 -44.57
C SER A 211 -27.74 27.32 -45.22
N ALA A 212 -27.38 27.94 -46.34
CA ALA A 212 -26.10 27.69 -46.97
C ALA A 212 -24.97 28.17 -46.08
N ARG A 213 -23.76 27.71 -46.40
CA ARG A 213 -22.54 28.01 -45.64
C ARG A 213 -22.62 27.45 -44.23
N VAL A 214 -23.68 26.70 -43.93
CA VAL A 214 -23.74 25.96 -42.67
C VAL A 214 -23.62 24.47 -42.93
N ARG A 215 -24.24 23.99 -44.01
CA ARG A 215 -24.01 22.63 -44.47
C ARG A 215 -22.55 22.45 -44.86
N GLN A 216 -22.02 23.39 -45.66
CA GLN A 216 -20.66 23.26 -46.17
C GLN A 216 -19.64 23.39 -45.05
N THR A 217 -19.79 24.40 -44.20
CA THR A 217 -18.85 24.60 -43.10
C THR A 217 -18.81 23.41 -42.18
N TRP A 218 -19.99 22.92 -41.77
CA TRP A 218 -20.05 21.80 -40.84
C TRP A 218 -19.53 20.52 -41.48
N SER A 219 -19.83 20.31 -42.75
CA SER A 219 -19.34 19.11 -43.44
C SER A 219 -17.82 19.11 -43.53
N VAL A 220 -17.24 20.24 -43.93
CA VAL A 220 -15.79 20.32 -44.03
C VAL A 220 -15.14 20.21 -42.66
N LEU A 221 -15.76 20.81 -41.64
CA LEU A 221 -15.21 20.72 -40.29
C LEU A 221 -15.20 19.27 -39.81
N LEU A 222 -16.32 18.56 -39.99
CA LEU A 222 -16.36 17.16 -39.59
C LEU A 222 -15.34 16.33 -40.37
N LEU A 223 -15.25 16.56 -41.68
CA LEU A 223 -14.30 15.82 -42.50
C LEU A 223 -12.88 16.01 -41.99
N LEU A 224 -12.48 17.26 -41.75
CA LEU A 224 -11.12 17.52 -41.32
C LEU A 224 -10.85 16.98 -39.92
N LEU A 225 -11.81 17.16 -39.00
CA LEU A 225 -11.54 16.82 -37.60
C LEU A 225 -11.70 15.34 -37.31
N LEU A 226 -12.38 14.60 -38.20
CA LEU A 226 -12.63 13.19 -37.91
C LEU A 226 -12.09 12.24 -38.97
N PHE A 227 -11.59 12.74 -40.10
CA PHE A 227 -11.03 11.83 -41.09
C PHE A 227 -9.59 12.18 -41.46
N PHE A 228 -9.29 13.47 -41.62
CA PHE A 228 -7.95 13.87 -42.01
C PHE A 228 -6.99 13.84 -40.82
N ILE A 229 -7.28 14.61 -39.79
CA ILE A 229 -6.41 14.70 -38.62
C ILE A 229 -6.31 13.34 -37.94
N PRO A 230 -7.42 12.63 -37.66
CA PRO A 230 -7.28 11.29 -37.07
C PRO A 230 -6.54 10.31 -37.95
N GLY A 231 -6.86 10.26 -39.25
CA GLY A 231 -6.18 9.32 -40.13
C GLY A 231 -4.70 9.60 -40.24
N VAL A 232 -4.34 10.88 -40.42
CA VAL A 232 -2.94 11.24 -40.54
C VAL A 232 -2.20 10.97 -39.23
N VAL A 233 -2.84 11.27 -38.10
CA VAL A 233 -2.20 11.02 -36.80
C VAL A 233 -1.95 9.53 -36.60
N MET A 234 -2.96 8.70 -36.88
CA MET A 234 -2.76 7.27 -36.74
C MET A 234 -1.69 6.75 -37.67
N ALA A 235 -1.67 7.22 -38.93
CA ALA A 235 -0.69 6.73 -39.89
C ALA A 235 0.72 7.11 -39.46
N VAL A 236 0.91 8.36 -39.05
CA VAL A 236 2.23 8.82 -38.64
C VAL A 236 2.69 8.07 -37.38
N ALA A 237 1.80 7.93 -36.39
CA ALA A 237 2.17 7.28 -35.15
C ALA A 237 2.54 5.82 -35.39
N TYR A 238 1.76 5.11 -36.21
CA TYR A 238 2.08 3.71 -36.46
C TYR A 238 3.29 3.55 -37.38
N GLY A 239 3.55 4.51 -38.25
CA GLY A 239 4.78 4.47 -39.03
C GLY A 239 6.00 4.63 -38.14
N LEU A 240 5.93 5.58 -37.21
CA LEU A 240 7.03 5.75 -36.26
C LEU A 240 7.20 4.51 -35.39
N ILE A 241 6.11 3.93 -34.91
CA ILE A 241 6.20 2.70 -34.12
C ILE A 241 6.86 1.60 -34.93
N SER A 242 6.52 1.51 -36.22
CA SER A 242 7.15 0.50 -37.07
C SER A 242 8.64 0.79 -37.24
N ARG A 243 9.03 2.06 -37.29
CA ARG A 243 10.45 2.38 -37.41
C ARG A 243 11.21 1.97 -36.16
N GLU A 244 10.73 2.41 -34.98
CA GLU A 244 11.42 2.04 -33.75
C GLU A 244 11.37 0.53 -33.50
N LEU A 245 10.41 -0.17 -34.09
CA LEU A 245 10.46 -1.63 -34.03
C LEU A 245 11.50 -2.20 -34.99
N TYR A 246 11.64 -1.58 -36.18
CA TYR A 246 12.62 -2.03 -37.15
C TYR A 246 14.05 -1.80 -36.67
N LEU A 247 14.25 -0.78 -35.82
CA LEU A 247 15.59 -0.51 -35.29
C LEU A 247 16.13 -1.71 -34.52
N GLY A 248 15.44 -2.11 -33.46
CA GLY A 248 15.86 -3.23 -32.66
C GLY A 248 16.22 -2.84 -31.23
N LYS A 324 13.76 -12.95 -32.64
CA LYS A 324 12.67 -13.41 -33.48
C LYS A 324 12.15 -12.28 -34.36
N LEU A 325 12.32 -12.42 -35.67
CA LEU A 325 11.92 -11.36 -36.60
C LEU A 325 10.48 -11.54 -37.06
N LEU A 326 9.94 -12.75 -36.94
CA LEU A 326 8.58 -13.02 -37.41
C LEU A 326 7.56 -12.14 -36.69
N ALA A 327 7.62 -12.10 -35.36
CA ALA A 327 6.63 -11.37 -34.57
C ALA A 327 6.59 -9.90 -34.96
N LYS A 328 7.75 -9.28 -35.15
CA LYS A 328 7.79 -7.85 -35.45
C LYS A 328 7.14 -7.56 -36.79
N LYS A 329 7.43 -8.38 -37.80
CA LYS A 329 6.86 -8.13 -39.13
C LYS A 329 5.37 -8.43 -39.15
N ARG A 330 4.92 -9.42 -38.36
CA ARG A 330 3.49 -9.63 -38.23
C ARG A 330 2.80 -8.46 -37.54
N VAL A 331 3.47 -7.88 -36.53
CA VAL A 331 2.92 -6.70 -35.87
C VAL A 331 2.79 -5.54 -36.85
N VAL A 332 3.81 -5.34 -37.68
CA VAL A 332 3.74 -4.28 -38.68
C VAL A 332 2.64 -4.55 -39.69
N ARG A 333 2.48 -5.81 -40.12
CA ARG A 333 1.38 -6.16 -41.00
C ARG A 333 0.04 -5.83 -40.37
N MET A 334 -0.12 -6.12 -39.09
CA MET A 334 -1.38 -5.84 -38.41
C MET A 334 -1.64 -4.36 -38.29
N LEU A 335 -0.59 -3.57 -38.01
CA LEU A 335 -0.75 -2.12 -37.95
C LEU A 335 -1.18 -1.56 -39.31
N LEU A 336 -0.57 -2.07 -40.39
CA LEU A 336 -0.94 -1.63 -41.72
C LEU A 336 -2.38 -2.00 -42.03
N VAL A 337 -2.79 -3.21 -41.63
CA VAL A 337 -4.19 -3.61 -41.79
C VAL A 337 -5.11 -2.64 -41.07
N ILE A 338 -4.77 -2.27 -39.84
CA ILE A 338 -5.61 -1.35 -39.07
C ILE A 338 -5.77 -0.02 -39.81
N VAL A 339 -4.65 0.55 -40.27
CA VAL A 339 -4.72 1.86 -40.91
C VAL A 339 -5.50 1.79 -42.21
N VAL A 340 -5.23 0.78 -43.03
CA VAL A 340 -5.90 0.70 -44.34
C VAL A 340 -7.37 0.38 -44.16
N LEU A 341 -7.73 -0.37 -43.13
CA LEU A 341 -9.13 -0.66 -42.88
C LEU A 341 -9.87 0.59 -42.42
N PHE A 342 -9.28 1.38 -41.52
CA PHE A 342 -9.90 2.62 -41.12
C PHE A 342 -10.11 3.54 -42.32
N PHE A 343 -9.09 3.70 -43.16
CA PHE A 343 -9.24 4.58 -44.33
C PHE A 343 -10.31 4.06 -45.29
N LEU A 344 -10.23 2.78 -45.65
CA LEU A 344 -11.18 2.20 -46.59
C LEU A 344 -12.61 2.30 -46.08
N CYS A 345 -12.83 1.99 -44.81
CA CYS A 345 -14.16 2.09 -44.23
C CYS A 345 -14.66 3.53 -44.25
N TRP A 346 -13.96 4.44 -43.58
CA TRP A 346 -14.54 5.75 -43.38
C TRP A 346 -14.27 6.75 -44.51
N LEU A 347 -13.73 6.31 -45.64
CA LEU A 347 -13.62 7.25 -46.75
C LEU A 347 -14.96 7.50 -47.45
N PRO A 348 -15.66 6.47 -47.96
CA PRO A 348 -16.86 6.74 -48.76
C PRO A 348 -17.93 7.53 -48.02
N VAL A 349 -18.12 7.28 -46.73
CA VAL A 349 -19.19 7.94 -45.99
C VAL A 349 -18.95 9.44 -45.92
N TYR A 350 -17.71 9.86 -45.70
CA TYR A 350 -17.41 11.30 -45.64
C TYR A 350 -17.38 12.00 -47.02
N SER A 351 -16.88 11.29 -48.02
CA SER A 351 -16.82 11.80 -49.40
C SER A 351 -18.23 12.06 -49.94
N ALA A 352 -19.14 11.15 -49.60
CA ALA A 352 -20.52 11.27 -50.02
C ALA A 352 -21.11 12.56 -49.45
N ASN A 353 -20.82 12.87 -48.19
CA ASN A 353 -21.28 14.10 -47.53
C ASN A 353 -20.69 15.32 -48.15
N THR A 354 -19.43 15.23 -48.55
CA THR A 354 -18.82 16.36 -49.23
C THR A 354 -19.60 16.62 -50.53
N TRP A 355 -19.94 15.56 -51.27
CA TRP A 355 -20.76 15.72 -52.46
C TRP A 355 -22.18 16.24 -52.17
N ARG A 356 -22.76 15.75 -51.07
CA ARG A 356 -24.13 16.05 -50.61
C ARG A 356 -24.32 17.45 -50.02
N ALA A 357 -23.76 17.70 -48.82
CA ALA A 357 -23.82 19.02 -48.23
C ALA A 357 -23.45 20.12 -49.24
N PHE A 358 -22.59 19.80 -50.21
CA PHE A 358 -22.26 20.80 -51.22
C PHE A 358 -23.37 20.91 -52.27
N ASP A 359 -23.67 19.82 -52.97
CA ASP A 359 -24.50 19.93 -54.16
C ASP A 359 -25.99 19.73 -53.89
N GLY A 360 -26.37 18.70 -53.14
CA GLY A 360 -27.77 18.42 -52.90
C GLY A 360 -28.39 17.46 -53.90
N PRO A 361 -29.28 17.99 -54.75
CA PRO A 361 -30.02 17.12 -55.68
C PRO A 361 -29.15 16.26 -56.56
N GLY A 362 -27.98 16.75 -56.98
CA GLY A 362 -27.10 15.93 -57.78
C GLY A 362 -26.71 14.63 -57.08
N ALA A 363 -26.23 14.75 -55.86
CA ALA A 363 -25.82 13.61 -55.06
C ALA A 363 -26.98 12.70 -54.69
N HIS A 364 -28.11 13.30 -54.30
CA HIS A 364 -29.28 12.51 -53.94
C HIS A 364 -29.77 11.70 -55.12
N ARG A 365 -29.79 12.35 -56.29
CA ARG A 365 -30.20 11.69 -57.52
C ARG A 365 -29.21 10.58 -57.88
N ALA A 366 -27.93 10.87 -57.66
CA ALA A 366 -26.85 9.93 -57.96
C ALA A 366 -26.94 8.63 -57.16
N LEU A 367 -27.01 8.73 -55.84
CA LEU A 367 -27.08 7.52 -55.01
C LEU A 367 -28.00 7.79 -53.82
N SER A 368 -29.23 7.28 -53.90
CA SER A 368 -30.18 7.39 -52.82
C SER A 368 -30.70 6.06 -52.29
N GLY A 369 -31.19 5.17 -53.16
CA GLY A 369 -31.77 3.92 -52.67
C GLY A 369 -30.79 2.81 -52.34
N ALA A 370 -30.11 2.29 -53.35
CA ALA A 370 -29.23 1.13 -53.19
C ALA A 370 -27.82 1.48 -52.72
N PRO A 371 -27.11 2.44 -53.35
CA PRO A 371 -25.68 2.58 -53.04
C PRO A 371 -25.38 3.11 -51.65
N ILE A 372 -26.13 4.11 -51.17
CA ILE A 372 -25.84 4.67 -49.86
C ILE A 372 -26.04 3.64 -48.75
N SER A 373 -26.91 2.65 -48.96
CA SER A 373 -27.06 1.59 -47.97
C SER A 373 -25.78 0.78 -47.86
N PHE A 374 -25.17 0.45 -49.01
CA PHE A 374 -23.91 -0.28 -48.99
C PHE A 374 -22.77 0.58 -48.44
N ILE A 375 -22.83 1.89 -48.69
CA ILE A 375 -21.82 2.78 -48.14
C ILE A 375 -21.89 2.78 -46.61
N HIS A 376 -23.10 2.88 -46.07
CA HIS A 376 -23.25 2.81 -44.62
C HIS A 376 -22.96 1.41 -44.09
N LEU A 377 -23.13 0.38 -44.91
CA LEU A 377 -22.69 -0.96 -44.54
C LEU A 377 -21.18 -1.01 -44.36
N LEU A 378 -20.45 -0.46 -45.32
CA LEU A 378 -19.01 -0.30 -45.18
C LEU A 378 -18.66 0.46 -43.90
N SER A 379 -19.38 1.55 -43.64
CA SER A 379 -19.15 2.32 -42.42
C SER A 379 -19.29 1.44 -41.17
N TYR A 380 -20.42 0.76 -41.04
CA TYR A 380 -20.68 -0.06 -39.86
C TYR A 380 -19.83 -1.33 -39.81
N ALA A 381 -19.15 -1.69 -40.90
CA ALA A 381 -18.23 -2.80 -40.85
C ALA A 381 -17.07 -2.56 -39.88
N SER A 382 -16.80 -1.30 -39.55
CA SER A 382 -15.85 -1.00 -38.48
C SER A 382 -16.30 -1.55 -37.14
N ALA A 383 -17.60 -1.67 -36.91
CA ALA A 383 -18.11 -2.27 -35.69
C ALA A 383 -17.75 -3.74 -35.59
N CYS A 384 -17.62 -4.42 -36.72
CA CYS A 384 -17.19 -5.80 -36.72
C CYS A 384 -15.68 -5.91 -36.75
N VAL A 385 -15.00 -4.91 -37.32
CA VAL A 385 -13.55 -4.97 -37.44
C VAL A 385 -12.86 -4.68 -36.11
N ASN A 386 -13.24 -3.59 -35.45
CA ASN A 386 -12.56 -3.16 -34.22
C ASN A 386 -12.39 -4.30 -33.20
N PRO A 387 -13.43 -5.05 -32.83
CA PRO A 387 -13.21 -6.08 -31.80
C PRO A 387 -12.32 -7.22 -32.27
N LEU A 388 -12.40 -7.57 -33.56
CA LEU A 388 -11.60 -8.69 -34.07
C LEU A 388 -10.12 -8.32 -34.10
N VAL A 389 -9.81 -7.07 -34.46
CA VAL A 389 -8.42 -6.70 -34.64
C VAL A 389 -7.81 -6.15 -33.36
N TYR A 390 -8.65 -5.78 -32.38
CA TYR A 390 -8.12 -5.20 -31.15
C TYR A 390 -8.24 -6.13 -29.95
N CYS A 391 -9.35 -6.87 -29.85
CA CYS A 391 -9.61 -7.64 -28.64
C CYS A 391 -9.55 -9.15 -28.87
N PHE A 392 -10.28 -9.67 -29.85
CA PHE A 392 -10.48 -11.11 -29.94
C PHE A 392 -9.27 -11.84 -30.50
N MET A 393 -8.26 -11.11 -30.97
CA MET A 393 -6.97 -11.73 -31.27
C MET A 393 -6.04 -11.62 -30.07
N HIS A 394 -4.76 -11.92 -30.28
CA HIS A 394 -3.70 -11.68 -29.29
C HIS A 394 -3.83 -12.63 -28.09
N ARG A 395 -4.56 -13.73 -28.26
CA ARG A 395 -4.71 -14.78 -27.25
C ARG A 395 -5.43 -14.30 -25.99
N ARG A 396 -5.94 -13.07 -25.99
CA ARG A 396 -6.72 -12.60 -24.85
C ARG A 396 -7.98 -13.41 -24.64
N PHE A 397 -8.52 -14.01 -25.72
CA PHE A 397 -9.76 -14.77 -25.63
C PHE A 397 -9.65 -15.99 -24.75
N ARG A 398 -8.44 -16.37 -24.32
CA ARG A 398 -8.32 -17.39 -23.29
C ARG A 398 -8.97 -16.95 -22.00
N GLN A 399 -8.86 -15.66 -21.66
CA GLN A 399 -9.58 -15.14 -20.50
C GLN A 399 -11.08 -15.16 -20.74
N ALA A 400 -11.51 -14.95 -21.99
CA ALA A 400 -12.93 -14.97 -22.30
C ALA A 400 -13.51 -16.37 -22.11
N CYS A 401 -12.90 -17.37 -22.76
CA CYS A 401 -13.38 -18.74 -22.61
C CYS A 401 -13.23 -19.23 -21.17
N LEU A 402 -12.21 -18.74 -20.47
CA LEU A 402 -12.07 -19.05 -19.05
C LEU A 402 -13.17 -18.41 -18.21
N GLU A 403 -13.74 -17.29 -18.66
CA GLU A 403 -14.80 -16.63 -17.93
C GLU A 403 -16.10 -17.43 -17.98
N GLU B 8 38.17 -37.74 22.57
CA GLU B 8 38.27 -38.05 21.15
C GLU B 8 37.08 -37.47 20.37
N LEU B 9 37.23 -37.38 19.05
CA LEU B 9 36.16 -36.82 18.23
C LEU B 9 34.99 -37.80 18.14
N ASP B 10 35.28 -39.10 18.13
CA ASP B 10 34.20 -40.09 18.06
C ASP B 10 33.43 -40.16 19.37
N GLN B 11 34.08 -39.83 20.49
CA GLN B 11 33.39 -39.86 21.78
C GLN B 11 32.26 -38.84 21.84
N LEU B 12 32.46 -37.69 21.19
CA LEU B 12 31.40 -36.68 21.14
C LEU B 12 30.17 -37.21 20.42
N ARG B 13 30.38 -37.81 19.24
CA ARG B 13 29.25 -38.38 18.49
C ARG B 13 28.59 -39.51 19.26
N GLN B 14 29.38 -40.35 19.93
CA GLN B 14 28.82 -41.45 20.70
C GLN B 14 27.95 -40.93 21.84
N GLU B 15 28.45 -39.95 22.60
CA GLU B 15 27.67 -39.39 23.69
C GLU B 15 26.42 -38.70 23.16
N ALA B 16 26.53 -37.99 22.03
CA ALA B 16 25.38 -37.31 21.47
C ALA B 16 24.30 -38.31 21.06
N GLU B 17 24.70 -39.39 20.39
CA GLU B 17 23.73 -40.41 19.99
C GLU B 17 23.09 -41.07 21.19
N GLN B 18 23.89 -41.43 22.20
CA GLN B 18 23.36 -42.06 23.40
C GLN B 18 22.35 -41.16 24.10
N LEU B 19 22.69 -39.87 24.24
CA LEU B 19 21.81 -38.95 24.95
C LEU B 19 20.54 -38.67 24.14
N LYS B 20 20.66 -38.60 22.82
CA LYS B 20 19.47 -38.39 21.99
C LYS B 20 18.54 -39.59 22.06
N ASN B 21 19.10 -40.81 22.05
CA ASN B 21 18.26 -41.99 22.21
C ASN B 21 17.63 -42.04 23.59
N GLN B 22 18.37 -41.63 24.62
CA GLN B 22 17.83 -41.59 25.97
C GLN B 22 16.65 -40.62 26.06
N ILE B 23 16.81 -39.42 25.49
CA ILE B 23 15.73 -38.44 25.51
C ILE B 23 14.53 -38.92 24.70
N ARG B 24 14.77 -39.58 23.57
CA ARG B 24 13.68 -40.13 22.79
C ARG B 24 12.89 -41.15 23.60
N ASP B 25 13.59 -42.13 24.19
CA ASP B 25 12.92 -43.15 24.99
C ASP B 25 12.22 -42.54 26.19
N ALA B 26 12.79 -41.50 26.80
CA ALA B 26 12.17 -40.86 27.95
C ALA B 26 10.86 -40.17 27.56
N ARG B 27 10.93 -39.30 26.55
CA ARG B 27 9.72 -38.60 26.11
C ARG B 27 8.70 -39.55 25.51
N LYS B 28 9.12 -40.75 25.11
CA LYS B 28 8.15 -41.74 24.65
C LYS B 28 7.56 -42.53 25.81
N ALA B 29 8.29 -42.62 26.93
CA ALA B 29 7.78 -43.35 28.08
C ALA B 29 6.58 -42.64 28.71
N CYS B 30 6.63 -41.31 28.77
CA CYS B 30 5.55 -40.52 29.38
C CYS B 30 4.51 -40.12 28.34
N ALA B 31 4.04 -41.12 27.59
CA ALA B 31 3.00 -40.95 26.57
C ALA B 31 1.86 -41.91 26.89
N ASP B 32 0.93 -41.45 27.72
CA ASP B 32 -0.20 -42.28 28.13
C ASP B 32 -1.24 -42.39 27.02
N ALA B 33 -1.76 -41.26 26.56
CA ALA B 33 -2.77 -41.23 25.52
C ALA B 33 -2.69 -39.91 24.77
N THR B 34 -3.07 -39.94 23.49
CA THR B 34 -3.01 -38.74 22.67
C THR B 34 -4.05 -37.73 23.11
N LEU B 35 -3.81 -36.46 22.72
CA LEU B 35 -4.77 -35.40 23.01
C LEU B 35 -6.09 -35.61 22.27
N SER B 36 -6.06 -36.30 21.13
CA SER B 36 -7.28 -36.50 20.36
C SER B 36 -8.25 -37.42 21.08
N GLN B 37 -7.73 -38.40 21.81
CA GLN B 37 -8.59 -39.33 22.54
C GLN B 37 -9.30 -38.64 23.70
N ILE B 38 -8.59 -37.85 24.49
CA ILE B 38 -9.19 -37.21 25.65
C ILE B 38 -10.20 -36.14 25.24
N THR B 39 -10.16 -35.69 23.98
CA THR B 39 -11.08 -34.68 23.49
C THR B 39 -12.16 -35.26 22.59
N ASN B 40 -12.49 -36.54 22.76
CA ASN B 40 -13.55 -37.15 21.95
C ASN B 40 -14.93 -36.69 22.43
N ASN B 41 -15.11 -36.60 23.74
CA ASN B 41 -16.40 -36.19 24.32
C ASN B 41 -16.50 -34.68 24.53
N ILE B 42 -16.21 -33.90 23.50
CA ILE B 42 -16.31 -32.45 23.55
C ILE B 42 -17.14 -32.00 22.35
N ASP B 43 -18.13 -31.15 22.60
CA ASP B 43 -18.98 -30.67 21.53
C ASP B 43 -18.17 -29.76 20.61
N PRO B 44 -18.06 -30.09 19.32
CA PRO B 44 -17.30 -29.22 18.40
C PRO B 44 -17.90 -27.84 18.31
N VAL B 45 -17.09 -26.90 17.82
CA VAL B 45 -17.49 -25.50 17.72
C VAL B 45 -18.38 -25.32 16.49
N GLY B 46 -18.51 -26.38 15.68
CA GLY B 46 -19.37 -26.29 14.52
C GLY B 46 -18.73 -25.49 13.41
N ARG B 47 -19.47 -24.50 12.92
CA ARG B 47 -18.99 -23.61 11.86
C ARG B 47 -19.11 -22.17 12.35
N ILE B 48 -18.05 -21.40 12.13
CA ILE B 48 -18.00 -19.99 12.53
C ILE B 48 -17.71 -19.16 11.29
N GLN B 49 -18.52 -18.13 11.08
CA GLN B 49 -18.39 -17.23 9.94
C GLN B 49 -17.98 -15.85 10.43
N MET B 50 -17.03 -15.23 9.75
CA MET B 50 -16.56 -13.90 10.08
C MET B 50 -16.59 -13.02 8.84
N ARG B 51 -16.91 -11.74 9.04
CA ARG B 51 -17.02 -10.78 7.95
C ARG B 51 -16.09 -9.60 8.20
N THR B 52 -15.59 -9.02 7.12
CA THR B 52 -14.64 -7.90 7.22
C THR B 52 -15.40 -6.65 7.64
N ARG B 53 -15.21 -6.24 8.90
CA ARG B 53 -15.86 -5.04 9.37
C ARG B 53 -15.16 -3.79 8.86
N ARG B 54 -13.84 -3.82 8.74
CA ARG B 54 -13.06 -2.70 8.27
C ARG B 54 -12.19 -3.13 7.10
N THR B 55 -11.57 -2.13 6.46
CA THR B 55 -10.57 -2.37 5.43
C THR B 55 -9.63 -1.16 5.43
N LEU B 56 -8.41 -1.35 5.91
CA LEU B 56 -7.45 -0.27 6.04
C LEU B 56 -6.61 -0.21 4.77
N ARG B 57 -6.77 0.86 4.00
CA ARG B 57 -6.17 1.00 2.69
C ARG B 57 -5.38 2.30 2.62
N GLY B 58 -4.12 2.26 3.02
CA GLY B 58 -3.23 3.39 2.85
C GLY B 58 -1.85 2.97 2.39
N HIS B 59 -1.62 1.67 2.32
CA HIS B 59 -0.33 1.16 1.87
C HIS B 59 -0.32 1.03 0.36
N LEU B 60 0.84 1.26 -0.25
CA LEU B 60 0.98 1.18 -1.69
C LEU B 60 1.93 0.07 -2.12
N ALA B 61 2.19 -0.90 -1.24
CA ALA B 61 3.03 -2.04 -1.57
C ALA B 61 2.66 -3.18 -0.64
N LYS B 62 3.46 -4.24 -0.65
CA LYS B 62 3.18 -5.41 0.18
C LYS B 62 3.26 -5.05 1.66
N ILE B 63 2.55 -5.83 2.48
CA ILE B 63 2.49 -5.61 3.92
C ILE B 63 3.22 -6.76 4.59
N TYR B 64 4.35 -6.46 5.26
CA TYR B 64 5.17 -7.56 5.78
C TYR B 64 4.98 -7.80 7.27
N ALA B 65 4.43 -6.84 8.01
CA ALA B 65 4.25 -7.04 9.44
C ALA B 65 3.06 -6.25 9.95
N MET B 66 2.66 -6.56 11.18
CA MET B 66 1.50 -5.96 11.81
C MET B 66 1.49 -6.36 13.28
N HIS B 67 1.17 -5.43 14.16
CA HIS B 67 1.08 -5.70 15.58
C HIS B 67 -0.06 -4.87 16.19
N TRP B 68 -0.65 -5.41 17.26
CA TRP B 68 -1.77 -4.77 17.94
C TRP B 68 -1.27 -4.06 19.19
N GLY B 69 -1.92 -2.96 19.54
CA GLY B 69 -1.62 -2.30 20.79
C GLY B 69 -2.34 -2.96 21.95
N THR B 70 -1.83 -2.70 23.16
CA THR B 70 -2.40 -3.31 24.35
C THR B 70 -3.80 -2.82 24.66
N ASP B 71 -4.19 -1.66 24.12
CA ASP B 71 -5.57 -1.20 24.25
C ASP B 71 -6.50 -1.81 23.21
N SER B 72 -5.98 -2.67 22.34
CA SER B 72 -6.76 -3.39 21.35
C SER B 72 -7.40 -2.45 20.34
N ARG B 73 -6.90 -1.21 20.26
CA ARG B 73 -7.48 -0.25 19.34
C ARG B 73 -6.51 0.15 18.23
N LEU B 74 -5.30 0.57 18.58
CA LEU B 74 -4.31 1.02 17.62
C LEU B 74 -3.53 -0.18 17.09
N LEU B 75 -3.06 -0.09 15.86
CA LEU B 75 -2.22 -1.14 15.30
C LEU B 75 -1.24 -0.55 14.28
N VAL B 76 0.01 -0.99 14.36
CA VAL B 76 1.06 -0.59 13.44
C VAL B 76 1.15 -1.60 12.30
N SER B 77 1.51 -1.12 11.11
CA SER B 77 1.77 -1.99 9.97
C SER B 77 2.96 -1.46 9.19
N ALA B 78 3.79 -2.39 8.72
CA ALA B 78 5.01 -2.06 7.99
C ALA B 78 4.92 -2.52 6.55
N SER B 79 5.24 -1.62 5.62
CA SER B 79 5.18 -1.95 4.21
C SER B 79 6.53 -1.67 3.54
N GLN B 80 6.71 -2.26 2.36
CA GLN B 80 7.94 -2.13 1.60
C GLN B 80 8.07 -0.79 0.87
N ASP B 81 7.05 0.06 0.95
CA ASP B 81 7.15 1.40 0.40
C ASP B 81 7.81 2.37 1.37
N GLY B 82 8.56 1.83 2.33
CA GLY B 82 9.24 2.64 3.32
C GLY B 82 8.31 3.35 4.28
N LYS B 83 7.27 2.66 4.73
CA LYS B 83 6.26 3.30 5.56
C LYS B 83 5.89 2.41 6.74
N LEU B 84 5.62 3.05 7.87
CA LEU B 84 5.14 2.42 9.08
C LEU B 84 3.90 3.19 9.53
N ILE B 85 2.72 2.64 9.27
CA ILE B 85 1.47 3.38 9.49
C ILE B 85 0.83 2.90 10.78
N ILE B 86 0.37 3.84 11.60
CA ILE B 86 -0.28 3.52 12.86
C ILE B 86 -1.78 3.80 12.75
N TRP B 87 -2.56 2.78 12.43
CA TRP B 87 -3.99 2.95 12.25
C TRP B 87 -4.71 2.94 13.59
N ASP B 88 -5.82 3.66 13.64
CA ASP B 88 -6.81 3.63 14.71
C ASP B 88 -7.94 2.75 14.20
N SER B 89 -7.94 1.48 14.61
CA SER B 89 -8.76 0.47 13.94
C SER B 89 -10.25 0.78 14.02
N TYR B 90 -10.68 1.46 15.09
CA TYR B 90 -12.11 1.67 15.28
C TYR B 90 -12.71 2.53 14.17
N THR B 91 -12.15 3.71 13.95
CA THR B 91 -12.70 4.64 12.98
C THR B 91 -11.96 4.63 11.65
N THR B 92 -11.02 3.71 11.45
CA THR B 92 -10.24 3.60 10.22
C THR B 92 -9.55 4.92 9.89
N ASN B 93 -8.79 5.40 10.87
CA ASN B 93 -8.02 6.63 10.73
C ASN B 93 -6.53 6.29 10.64
N LYS B 94 -5.73 7.32 10.44
CA LYS B 94 -4.27 7.21 10.48
C LYS B 94 -3.77 8.15 11.57
N VAL B 95 -3.03 7.62 12.53
CA VAL B 95 -2.53 8.45 13.61
C VAL B 95 -1.11 8.95 13.30
N HIS B 96 -0.30 8.10 12.66
CA HIS B 96 1.05 8.46 12.28
C HIS B 96 1.43 7.69 11.02
N ALA B 97 2.33 8.28 10.22
CA ALA B 97 2.90 7.63 9.06
C ALA B 97 4.42 7.85 9.11
N ILE B 98 5.11 6.94 9.80
CA ILE B 98 6.55 7.10 9.98
C ILE B 98 7.27 6.73 8.70
N PRO B 99 8.11 7.60 8.14
CA PRO B 99 8.92 7.22 6.98
C PRO B 99 10.25 6.60 7.41
N LEU B 100 10.56 5.43 6.86
CA LEU B 100 11.72 4.68 7.31
C LEU B 100 12.99 5.16 6.61
N ARG B 101 14.13 4.69 7.10
CA ARG B 101 15.40 4.99 6.45
C ARG B 101 15.69 3.97 5.36
N SER B 102 15.50 2.69 5.66
CA SER B 102 15.64 1.61 4.68
C SER B 102 14.27 1.00 4.44
N SER B 103 13.86 0.96 3.18
CA SER B 103 12.53 0.49 2.82
C SER B 103 12.43 -1.03 2.76
N TRP B 104 13.37 -1.75 3.36
CA TRP B 104 13.32 -3.21 3.44
C TRP B 104 13.04 -3.57 4.90
N VAL B 105 11.77 -3.79 5.22
CA VAL B 105 11.33 -4.15 6.57
C VAL B 105 10.64 -5.50 6.48
N MET B 106 10.99 -6.39 7.39
CA MET B 106 10.40 -7.72 7.44
C MET B 106 9.73 -8.01 8.78
N THR B 107 9.71 -7.04 9.69
CA THR B 107 9.10 -7.19 10.99
C THR B 107 8.71 -5.84 11.55
N CYS B 108 7.89 -5.84 12.59
CA CYS B 108 7.42 -4.63 13.23
C CYS B 108 6.79 -4.99 14.57
N ALA B 109 6.92 -4.08 15.53
CA ALA B 109 6.42 -4.34 16.88
C ALA B 109 5.86 -3.06 17.47
N TYR B 110 4.99 -3.22 18.45
CA TYR B 110 4.38 -2.12 19.17
C TYR B 110 4.62 -2.34 20.66
N ALA B 111 5.01 -1.29 21.37
CA ALA B 111 5.40 -1.45 22.75
C ALA B 111 4.18 -1.76 23.63
N PRO B 112 4.37 -2.47 24.74
CA PRO B 112 3.22 -2.77 25.61
C PRO B 112 2.64 -1.53 26.26
N SER B 113 3.48 -0.56 26.61
CA SER B 113 2.99 0.67 27.21
C SER B 113 2.38 1.63 26.19
N GLY B 114 2.61 1.40 24.90
CA GLY B 114 2.11 2.28 23.86
C GLY B 114 3.00 3.46 23.54
N ASN B 115 4.26 3.45 23.96
CA ASN B 115 5.13 4.59 23.73
C ASN B 115 5.97 4.41 22.48
N TYR B 116 6.67 3.28 22.36
CA TYR B 116 7.63 3.06 21.29
C TYR B 116 7.07 2.12 20.25
N VAL B 117 7.69 2.15 19.07
CA VAL B 117 7.52 1.12 18.05
C VAL B 117 8.91 0.72 17.56
N ALA B 118 8.99 -0.40 16.87
CA ALA B 118 10.27 -0.90 16.39
C ALA B 118 10.09 -1.57 15.04
N CYS B 119 11.13 -1.51 14.21
CA CYS B 119 11.10 -2.21 12.94
C CYS B 119 12.52 -2.62 12.54
N GLY B 120 12.62 -3.76 11.85
CA GLY B 120 13.87 -4.23 11.32
C GLY B 120 13.68 -4.91 9.96
N GLY B 121 14.78 -5.07 9.26
CA GLY B 121 14.74 -5.67 7.95
C GLY B 121 16.10 -6.13 7.48
N LEU B 122 16.38 -5.89 6.20
CA LEU B 122 17.61 -6.34 5.57
C LEU B 122 18.80 -5.45 5.88
N ASP B 123 18.60 -4.35 6.60
CA ASP B 123 19.69 -3.47 6.99
C ASP B 123 20.42 -3.94 8.24
N ASN B 124 20.02 -5.09 8.80
CA ASN B 124 20.58 -5.69 10.00
C ASN B 124 20.42 -4.82 11.24
N ILE B 125 19.61 -3.76 11.16
CA ILE B 125 19.47 -2.78 12.24
C ILE B 125 18.02 -2.77 12.69
N CYS B 126 17.80 -2.75 14.00
CA CYS B 126 16.47 -2.61 14.58
C CYS B 126 16.32 -1.16 15.02
N SER B 127 15.46 -0.41 14.32
CA SER B 127 15.22 0.97 14.67
C SER B 127 14.04 1.06 15.63
N ILE B 128 14.15 1.96 16.61
CA ILE B 128 13.13 2.14 17.63
C ILE B 128 12.68 3.59 17.61
N TYR B 129 11.41 3.79 17.26
CA TYR B 129 10.82 5.12 17.16
C TYR B 129 10.02 5.44 18.41
N ASN B 130 10.09 6.70 18.82
CA ASN B 130 9.47 7.19 20.04
C ASN B 130 8.28 8.06 19.64
N LEU B 131 7.07 7.52 19.81
CA LEU B 131 5.86 8.23 19.40
C LEU B 131 5.55 9.39 20.33
N LYS B 132 5.34 9.10 21.61
CA LYS B 132 4.91 10.10 22.58
C LYS B 132 6.11 10.92 23.03
N THR B 133 6.19 12.15 22.56
CA THR B 133 7.24 13.08 22.95
C THR B 133 6.72 14.49 22.67
N ARG B 134 7.56 15.48 22.92
CA ARG B 134 7.27 16.86 22.55
C ARG B 134 7.58 17.03 21.06
N GLU B 135 7.53 18.28 20.58
CA GLU B 135 7.93 18.62 19.22
C GLU B 135 7.02 18.00 18.17
N GLY B 136 6.00 17.27 18.60
CA GLY B 136 5.04 16.65 17.69
C GLY B 136 5.65 15.85 16.57
N ASN B 137 6.84 15.31 16.76
CA ASN B 137 7.57 14.61 15.71
C ASN B 137 7.90 13.20 16.19
N VAL B 138 7.89 12.25 15.26
CA VAL B 138 8.24 10.86 15.53
C VAL B 138 9.68 10.69 15.07
N ARG B 139 10.60 10.57 16.02
CA ARG B 139 12.03 10.50 15.74
C ARG B 139 12.59 9.14 16.16
N VAL B 140 13.69 8.75 15.53
CA VAL B 140 14.33 7.47 15.85
C VAL B 140 15.03 7.61 17.20
N SER B 141 14.52 6.93 18.21
CA SER B 141 15.16 6.92 19.53
C SER B 141 16.53 6.27 19.45
N ARG B 142 16.58 4.98 19.11
CA ARG B 142 17.82 4.24 19.03
C ARG B 142 17.83 3.37 17.78
N GLU B 143 19.03 2.91 17.43
CA GLU B 143 19.25 1.97 16.34
C GLU B 143 20.17 0.86 16.84
N LEU B 144 19.60 -0.31 17.11
CA LEU B 144 20.36 -1.44 17.63
C LEU B 144 20.95 -2.20 16.44
N ALA B 145 22.28 -2.16 16.31
CA ALA B 145 22.99 -2.76 15.18
C ALA B 145 24.08 -3.68 15.73
N GLY B 146 23.74 -4.95 15.90
CA GLY B 146 24.71 -5.94 16.31
C GLY B 146 24.61 -7.24 15.54
N HIS B 147 23.60 -7.37 14.69
CA HIS B 147 23.34 -8.62 14.00
C HIS B 147 24.08 -8.66 12.66
N THR B 148 24.26 -9.88 12.13
CA THR B 148 24.85 -10.08 10.82
C THR B 148 23.93 -10.79 9.84
N GLY B 149 22.62 -10.66 10.01
CA GLY B 149 21.64 -11.25 9.12
C GLY B 149 20.32 -10.53 9.26
N TYR B 150 19.42 -10.69 8.30
CA TYR B 150 18.13 -10.00 8.32
C TYR B 150 17.40 -10.28 9.63
N LEU B 151 16.75 -9.26 10.18
CA LEU B 151 16.00 -9.40 11.42
C LEU B 151 14.60 -9.91 11.08
N SER B 152 14.27 -11.11 11.55
CA SER B 152 13.02 -11.72 11.15
C SER B 152 11.88 -11.30 12.06
N CYS B 153 12.16 -11.15 13.36
CA CYS B 153 11.14 -10.79 14.33
C CYS B 153 11.76 -10.01 15.48
N CYS B 154 10.94 -9.20 16.14
CA CYS B 154 11.36 -8.42 17.28
C CYS B 154 10.14 -8.13 18.15
N ARG B 155 10.24 -8.38 19.45
CA ARG B 155 9.13 -8.24 20.37
C ARG B 155 9.60 -7.46 21.59
N PHE B 156 8.91 -6.36 21.90
CA PHE B 156 9.21 -5.58 23.10
C PHE B 156 8.98 -6.43 24.34
N LEU B 157 9.93 -6.39 25.26
CA LEU B 157 9.76 -7.01 26.57
C LEU B 157 9.24 -5.95 27.53
N ASP B 158 10.01 -4.89 27.70
CA ASP B 158 9.64 -3.72 28.49
C ASP B 158 9.85 -2.47 27.63
N ASP B 159 9.75 -1.30 28.27
CA ASP B 159 10.09 -0.08 27.57
C ASP B 159 11.59 0.08 27.39
N ASN B 160 12.39 -0.66 28.17
CA ASN B 160 13.84 -0.58 28.11
C ASN B 160 14.50 -1.89 27.73
N GLN B 161 13.75 -2.87 27.26
CA GLN B 161 14.30 -4.17 26.86
C GLN B 161 13.53 -4.69 25.65
N ILE B 162 14.25 -5.27 24.71
CA ILE B 162 13.65 -5.81 23.49
C ILE B 162 14.37 -7.09 23.09
N VAL B 163 13.61 -8.06 22.60
CA VAL B 163 14.16 -9.32 22.11
C VAL B 163 14.10 -9.31 20.59
N THR B 164 15.20 -9.73 19.97
CA THR B 164 15.27 -9.78 18.51
C THR B 164 15.79 -11.14 18.08
N SER B 165 15.44 -11.54 16.86
CA SER B 165 15.92 -12.77 16.25
C SER B 165 16.34 -12.48 14.83
N SER B 166 17.51 -12.98 14.44
CA SER B 166 18.07 -12.61 13.14
C SER B 166 18.37 -13.85 12.32
N GLY B 167 18.70 -13.62 11.05
CA GLY B 167 19.10 -14.66 10.14
C GLY B 167 20.52 -15.13 10.27
N ASP B 168 21.26 -14.65 11.28
CA ASP B 168 22.57 -15.17 11.61
C ASP B 168 22.50 -16.27 12.66
N THR B 169 21.35 -16.96 12.77
CA THR B 169 21.15 -18.08 13.67
C THR B 169 21.28 -17.67 15.14
N THR B 170 20.94 -16.42 15.46
CA THR B 170 21.10 -15.91 16.81
C THR B 170 19.89 -15.07 17.21
N CYS B 171 19.58 -15.14 18.51
CA CYS B 171 18.65 -14.22 19.14
C CYS B 171 19.41 -13.35 20.13
N ALA B 172 18.86 -12.18 20.44
CA ALA B 172 19.54 -11.23 21.30
C ALA B 172 18.55 -10.48 22.17
N LEU B 173 19.02 -10.09 23.35
CA LEU B 173 18.24 -9.28 24.28
C LEU B 173 18.95 -7.94 24.47
N TRP B 174 18.33 -6.88 23.97
CA TRP B 174 18.91 -5.54 23.97
C TRP B 174 18.30 -4.69 25.06
N ASP B 175 19.13 -3.87 25.68
CA ASP B 175 18.72 -2.83 26.62
C ASP B 175 18.73 -1.51 25.86
N ILE B 176 17.53 -0.98 25.59
CA ILE B 176 17.39 0.19 24.74
C ILE B 176 18.17 1.39 25.25
N GLU B 177 18.31 1.54 26.56
CA GLU B 177 19.00 2.70 27.12
C GLU B 177 20.47 2.72 26.69
N THR B 178 21.22 1.68 27.03
CA THR B 178 22.62 1.62 26.60
C THR B 178 22.73 1.34 25.12
N GLY B 179 22.02 0.33 24.63
CA GLY B 179 22.02 0.01 23.21
C GLY B 179 22.87 -1.18 22.81
N GLN B 180 23.33 -1.99 23.76
CA GLN B 180 24.17 -3.14 23.48
C GLN B 180 23.51 -4.41 23.98
N GLN B 181 23.88 -5.53 23.37
CA GLN B 181 23.34 -6.85 23.71
C GLN B 181 23.71 -7.20 25.14
N THR B 182 22.71 -7.51 25.96
CA THR B 182 23.00 -7.98 27.31
C THR B 182 23.10 -9.50 27.35
N THR B 183 22.34 -10.19 26.49
CA THR B 183 22.35 -11.64 26.42
C THR B 183 22.20 -12.06 24.96
N THR B 184 22.93 -13.11 24.58
CA THR B 184 22.90 -13.64 23.22
C THR B 184 22.60 -15.13 23.27
N PHE B 185 21.50 -15.53 22.62
CA PHE B 185 21.06 -16.92 22.56
C PHE B 185 21.54 -17.49 21.23
N THR B 186 22.42 -18.50 21.30
CA THR B 186 23.02 -19.12 20.14
C THR B 186 22.89 -20.63 20.26
N GLY B 187 21.79 -21.18 19.76
CA GLY B 187 21.61 -22.62 19.78
C GLY B 187 21.11 -23.21 18.47
N HIS B 188 20.69 -22.35 17.56
CA HIS B 188 20.14 -22.80 16.29
C HIS B 188 21.24 -23.04 15.27
N THR B 189 20.94 -23.87 14.27
CA THR B 189 21.85 -24.05 13.14
C THR B 189 21.39 -23.26 11.93
N GLY B 190 20.09 -23.26 11.64
CA GLY B 190 19.55 -22.47 10.56
C GLY B 190 19.08 -21.10 11.00
N ASP B 191 18.48 -20.37 10.06
CA ASP B 191 17.96 -19.05 10.35
C ASP B 191 16.90 -19.12 11.44
N VAL B 192 16.60 -17.97 12.04
CA VAL B 192 15.56 -17.88 13.06
C VAL B 192 14.42 -17.07 12.43
N MET B 193 13.29 -17.74 12.20
CA MET B 193 12.24 -17.13 11.37
C MET B 193 11.22 -16.38 12.22
N SER B 194 10.90 -16.91 13.40
CA SER B 194 9.85 -16.31 14.22
C SER B 194 10.20 -16.41 15.69
N LEU B 195 9.39 -15.76 16.52
CA LEU B 195 9.68 -15.58 17.94
C LEU B 195 8.42 -15.10 18.63
N SER B 196 8.22 -15.55 19.88
CA SER B 196 7.03 -15.19 20.65
C SER B 196 7.34 -15.22 22.14
N LEU B 197 6.90 -14.18 22.84
CA LEU B 197 7.20 -14.04 24.26
C LEU B 197 6.10 -14.65 25.12
N ALA B 198 6.49 -15.10 26.31
CA ALA B 198 5.57 -15.68 27.27
C ALA B 198 4.58 -14.64 27.78
N PRO B 199 3.42 -15.06 28.27
CA PRO B 199 2.50 -14.10 28.88
C PRO B 199 3.07 -13.38 30.08
N ASP B 200 4.06 -13.97 30.75
CA ASP B 200 4.75 -13.34 31.87
C ASP B 200 6.14 -12.86 31.51
N THR B 201 6.56 -13.02 30.25
CA THR B 201 7.84 -12.57 29.72
C THR B 201 9.03 -13.14 30.48
N ARG B 202 8.93 -14.35 31.00
CA ARG B 202 10.08 -14.96 31.65
C ARG B 202 10.81 -15.91 30.70
N LEU B 203 10.10 -16.50 29.73
CA LEU B 203 10.68 -17.37 28.74
C LEU B 203 10.19 -16.96 27.36
N PHE B 204 10.81 -17.52 26.33
CA PHE B 204 10.31 -17.33 24.97
C PHE B 204 10.88 -18.41 24.06
N VAL B 205 10.11 -18.76 23.04
CA VAL B 205 10.51 -19.80 22.09
C VAL B 205 10.89 -19.14 20.77
N SER B 206 11.70 -19.82 19.99
CA SER B 206 12.09 -19.37 18.67
C SER B 206 12.13 -20.56 17.72
N GLY B 207 11.57 -20.36 16.53
CA GLY B 207 11.51 -21.40 15.51
C GLY B 207 12.55 -21.12 14.44
N ALA B 208 13.25 -22.17 14.04
CA ALA B 208 14.38 -22.04 13.14
C ALA B 208 14.13 -22.75 11.81
N CYS B 209 15.00 -22.47 10.85
CA CYS B 209 14.91 -23.05 9.52
C CYS B 209 15.40 -24.49 9.46
N ASP B 210 15.86 -25.05 10.59
CA ASP B 210 16.32 -26.44 10.64
C ASP B 210 15.25 -27.35 11.24
N ALA B 211 14.00 -26.95 11.16
CA ALA B 211 12.86 -27.73 11.66
C ALA B 211 12.99 -28.00 13.16
N SER B 212 13.07 -26.92 13.94
CA SER B 212 13.16 -27.06 15.39
C SER B 212 12.76 -25.75 16.05
N ALA B 213 12.09 -25.88 17.20
CA ALA B 213 11.81 -24.75 18.07
C ALA B 213 12.59 -24.94 19.36
N LYS B 214 13.01 -23.83 19.95
CA LYS B 214 13.79 -23.87 21.18
C LYS B 214 13.16 -22.92 22.21
N LEU B 215 13.22 -23.35 23.46
CA LEU B 215 12.70 -22.59 24.59
C LEU B 215 13.87 -21.98 25.35
N TRP B 216 13.92 -20.64 25.37
CA TRP B 216 15.00 -19.89 25.98
C TRP B 216 14.51 -19.21 27.24
N ASP B 217 15.36 -19.18 28.26
CA ASP B 217 15.08 -18.53 29.53
C ASP B 217 15.77 -17.17 29.49
N VAL B 218 14.97 -16.10 29.53
CA VAL B 218 15.51 -14.75 29.36
C VAL B 218 16.51 -14.43 30.46
N ARG B 219 16.19 -14.77 31.70
CA ARG B 219 17.06 -14.41 32.82
C ARG B 219 18.38 -15.19 32.77
N GLU B 220 18.29 -16.51 32.66
CA GLU B 220 19.50 -17.33 32.64
C GLU B 220 20.29 -17.10 31.35
N GLY B 221 19.67 -17.38 30.20
CA GLY B 221 20.32 -17.14 28.92
C GLY B 221 20.75 -18.38 28.18
N MET B 222 20.10 -19.51 28.42
CA MET B 222 20.47 -20.77 27.79
C MET B 222 19.21 -21.53 27.35
N CYS B 223 19.37 -22.37 26.35
CA CYS B 223 18.27 -23.16 25.80
C CYS B 223 17.77 -24.13 26.87
N ARG B 224 16.47 -24.08 27.15
CA ARG B 224 15.89 -25.00 28.13
C ARG B 224 15.47 -26.31 27.48
N GLN B 225 14.57 -26.24 26.50
CA GLN B 225 14.08 -27.41 25.80
C GLN B 225 14.16 -27.19 24.30
N THR B 226 14.21 -28.29 23.55
CA THR B 226 14.30 -28.25 22.09
C THR B 226 13.28 -29.23 21.52
N PHE B 227 12.27 -28.71 20.83
CA PHE B 227 11.23 -29.50 20.20
C PHE B 227 11.54 -29.62 18.72
N THR B 228 11.41 -30.84 18.18
CA THR B 228 11.70 -31.10 16.76
C THR B 228 10.71 -32.14 16.23
N GLY B 229 9.63 -31.66 15.63
CA GLY B 229 8.62 -32.52 15.05
C GLY B 229 8.39 -32.29 13.57
N HIS B 230 8.67 -31.06 13.11
CA HIS B 230 8.35 -30.69 11.74
C HIS B 230 9.30 -31.36 10.76
N GLU B 231 9.05 -31.12 9.48
CA GLU B 231 9.85 -31.65 8.38
C GLU B 231 10.43 -30.55 7.50
N SER B 232 10.23 -29.28 7.86
CA SER B 232 10.75 -28.17 7.10
C SER B 232 10.91 -26.97 8.02
N ASP B 233 11.18 -25.81 7.44
CA ASP B 233 11.42 -24.60 8.21
C ASP B 233 10.15 -24.13 8.90
N ILE B 234 10.30 -23.49 10.05
CA ILE B 234 9.18 -23.04 10.87
C ILE B 234 9.03 -21.54 10.64
N ASN B 235 7.97 -21.14 9.95
CA ASN B 235 7.82 -19.75 9.55
C ASN B 235 7.23 -18.90 10.66
N ALA B 236 6.25 -19.44 11.40
CA ALA B 236 5.52 -18.69 12.41
C ALA B 236 5.37 -19.51 13.68
N ILE B 237 5.23 -18.81 14.80
CA ILE B 237 5.10 -19.43 16.11
C ILE B 237 4.30 -18.51 17.03
N CYS B 238 3.51 -19.11 17.91
CA CYS B 238 2.70 -18.37 18.88
C CYS B 238 2.53 -19.19 20.15
N PHE B 239 2.04 -18.54 21.19
CA PHE B 239 1.84 -19.16 22.50
C PHE B 239 0.37 -19.37 22.80
N PHE B 240 0.06 -20.53 23.37
CA PHE B 240 -1.24 -20.72 24.01
C PHE B 240 -1.38 -19.73 25.16
N PRO B 241 -2.57 -19.15 25.36
CA PRO B 241 -2.70 -18.13 26.42
C PRO B 241 -2.34 -18.64 27.81
N ASN B 242 -2.46 -19.94 28.06
CA ASN B 242 -2.09 -20.48 29.35
C ASN B 242 -0.60 -20.32 29.63
N GLY B 243 0.24 -20.48 28.61
CA GLY B 243 1.67 -20.36 28.76
C GLY B 243 2.42 -21.67 28.81
N ASN B 244 1.72 -22.80 28.80
CA ASN B 244 2.37 -24.10 28.88
C ASN B 244 2.40 -24.83 27.54
N ALA B 245 1.87 -24.24 26.48
CA ALA B 245 1.86 -24.86 25.17
C ALA B 245 2.09 -23.80 24.11
N PHE B 246 2.51 -24.24 22.93
CA PHE B 246 2.71 -23.31 21.81
C PHE B 246 2.42 -24.03 20.50
N ALA B 247 2.35 -23.23 19.43
CA ALA B 247 1.97 -23.71 18.11
C ALA B 247 2.97 -23.22 17.07
N THR B 248 3.35 -24.10 16.17
CA THR B 248 4.31 -23.80 15.11
C THR B 248 3.68 -24.05 13.75
N GLY B 249 3.83 -23.09 12.85
CA GLY B 249 3.43 -23.25 11.46
C GLY B 249 4.67 -23.36 10.59
N SER B 250 4.65 -24.33 9.68
CA SER B 250 5.82 -24.61 8.85
C SER B 250 5.45 -24.56 7.37
N ASP B 251 6.40 -24.95 6.53
CA ASP B 251 6.22 -24.90 5.08
C ASP B 251 5.72 -26.21 4.49
N ASP B 252 5.47 -27.23 5.29
CA ASP B 252 4.85 -28.46 4.82
C ASP B 252 3.33 -28.44 5.02
N ALA B 253 2.76 -27.25 5.19
CA ALA B 253 1.30 -27.07 5.31
C ALA B 253 0.72 -27.79 6.52
N THR B 254 1.50 -27.89 7.60
CA THR B 254 1.05 -28.57 8.81
C THR B 254 1.40 -27.72 10.02
N CYS B 255 0.39 -27.18 10.68
CA CYS B 255 0.60 -26.61 11.99
C CYS B 255 0.75 -27.73 13.03
N ARG B 256 1.43 -27.41 14.13
CA ARG B 256 1.59 -28.37 15.19
C ARG B 256 1.49 -27.66 16.52
N LEU B 257 1.04 -28.39 17.54
CA LEU B 257 0.88 -27.89 18.89
C LEU B 257 1.71 -28.74 19.83
N PHE B 258 2.72 -28.13 20.43
CA PHE B 258 3.60 -28.74 21.42
C PHE B 258 3.26 -28.23 22.81
N ASP B 259 3.62 -29.00 23.82
CA ASP B 259 3.41 -28.64 25.22
C ASP B 259 4.76 -28.66 25.92
N LEU B 260 4.95 -27.70 26.83
CA LEU B 260 6.25 -27.55 27.49
C LEU B 260 6.46 -28.64 28.55
N ARG B 261 5.45 -28.88 29.38
CA ARG B 261 5.62 -29.80 30.49
C ARG B 261 5.75 -31.24 30.01
N ALA B 262 4.91 -31.65 29.06
CA ALA B 262 5.01 -32.99 28.50
C ALA B 262 6.28 -33.17 27.66
N ASP B 263 6.87 -32.07 27.18
CA ASP B 263 8.13 -32.08 26.44
C ASP B 263 8.04 -32.87 25.15
N GLN B 264 6.91 -32.81 24.45
CA GLN B 264 6.76 -33.44 23.15
C GLN B 264 5.54 -32.86 22.44
N GLU B 265 5.36 -33.29 21.19
CA GLU B 265 4.31 -32.76 20.33
C GLU B 265 2.96 -33.34 20.76
N LEU B 266 1.96 -32.46 20.89
CA LEU B 266 0.62 -32.89 21.27
C LEU B 266 -0.25 -33.17 20.06
N MET B 267 -0.35 -32.20 19.14
CA MET B 267 -1.32 -32.30 18.05
C MET B 267 -0.73 -31.78 16.75
N THR B 268 -1.34 -32.20 15.63
CA THR B 268 -0.98 -31.74 14.30
C THR B 268 -2.25 -31.42 13.52
N TYR B 269 -2.23 -30.34 12.76
CA TYR B 269 -3.41 -29.86 12.03
C TYR B 269 -3.09 -29.91 10.54
N SER B 270 -3.38 -31.05 9.91
CA SER B 270 -3.05 -31.28 8.51
C SER B 270 -4.29 -31.67 7.73
N HIS B 271 -4.53 -30.96 6.63
CA HIS B 271 -5.59 -31.29 5.68
C HIS B 271 -4.97 -31.56 4.33
N ASP B 272 -5.50 -32.56 3.62
CA ASP B 272 -4.90 -32.98 2.36
C ASP B 272 -5.13 -31.96 1.25
N ASN B 273 -6.06 -31.02 1.44
CA ASN B 273 -6.30 -30.00 0.43
C ASN B 273 -5.18 -28.97 0.41
N ILE B 274 -4.83 -28.42 1.57
CA ILE B 274 -3.84 -27.36 1.64
C ILE B 274 -2.45 -27.96 1.48
N ILE B 275 -1.65 -27.35 0.61
CA ILE B 275 -0.28 -27.80 0.35
C ILE B 275 0.76 -26.72 0.57
N CYS B 276 0.39 -25.45 0.42
CA CYS B 276 1.34 -24.36 0.54
C CYS B 276 1.72 -24.12 2.00
N GLY B 277 2.78 -23.34 2.19
CA GLY B 277 3.29 -23.08 3.53
C GLY B 277 2.35 -22.25 4.38
N ILE B 278 2.78 -22.03 5.61
CA ILE B 278 2.00 -21.32 6.62
C ILE B 278 2.80 -20.08 7.00
N THR B 279 2.20 -18.90 6.85
CA THR B 279 2.96 -17.67 7.05
C THR B 279 2.80 -17.13 8.47
N SER B 280 1.60 -17.20 9.02
CA SER B 280 1.33 -16.64 10.34
C SER B 280 0.42 -17.58 11.13
N VAL B 281 0.60 -17.59 12.45
CA VAL B 281 -0.17 -18.43 13.36
C VAL B 281 -0.48 -17.61 14.60
N SER B 282 -1.70 -17.71 15.10
CA SER B 282 -2.10 -17.06 16.34
C SER B 282 -3.26 -17.82 16.98
N PHE B 283 -3.52 -17.52 18.25
CA PHE B 283 -4.56 -18.19 19.01
C PHE B 283 -5.71 -17.22 19.26
N SER B 284 -6.78 -17.74 19.83
CA SER B 284 -7.86 -16.90 20.31
C SER B 284 -7.59 -16.51 21.76
N LYS B 285 -8.56 -15.80 22.37
CA LYS B 285 -8.39 -15.35 23.74
C LYS B 285 -8.43 -16.52 24.71
N SER B 286 -9.32 -17.48 24.47
CA SER B 286 -9.45 -18.64 25.33
C SER B 286 -8.56 -19.81 24.91
N GLY B 287 -7.99 -19.77 23.71
CA GLY B 287 -7.17 -20.86 23.23
C GLY B 287 -7.93 -21.97 22.55
N ARG B 288 -9.16 -21.73 22.09
CA ARG B 288 -9.93 -22.75 21.40
C ARG B 288 -9.68 -22.68 19.90
N LEU B 289 -9.75 -21.48 19.34
CA LEU B 289 -9.48 -21.31 17.91
C LEU B 289 -7.99 -21.23 17.65
N LEU B 290 -7.61 -21.48 16.39
CA LEU B 290 -6.24 -21.36 15.93
C LEU B 290 -6.27 -20.74 14.54
N LEU B 291 -5.96 -19.45 14.47
CA LEU B 291 -5.92 -18.74 13.20
C LEU B 291 -4.59 -19.00 12.52
N ALA B 292 -4.64 -19.36 11.24
CA ALA B 292 -3.44 -19.68 10.48
C ALA B 292 -3.54 -19.11 9.07
N GLY B 293 -2.66 -18.18 8.74
CA GLY B 293 -2.60 -17.68 7.38
C GLY B 293 -1.86 -18.66 6.48
N TYR B 294 -2.18 -18.58 5.19
CA TYR B 294 -1.61 -19.51 4.21
C TYR B 294 -1.17 -18.74 2.99
N ASP B 295 -0.54 -19.45 2.06
CA ASP B 295 -0.16 -18.88 0.78
C ASP B 295 -1.27 -18.97 -0.26
N ASP B 296 -2.38 -19.63 0.07
CA ASP B 296 -3.56 -19.66 -0.79
C ASP B 296 -4.38 -18.39 -0.70
N PHE B 297 -3.87 -17.37 0.00
CA PHE B 297 -4.53 -16.09 0.16
C PHE B 297 -5.81 -16.19 0.98
N ASN B 298 -5.87 -17.13 1.92
CA ASN B 298 -7.04 -17.26 2.78
C ASN B 298 -6.63 -17.83 4.13
N CYS B 299 -7.08 -17.21 5.21
CA CYS B 299 -6.82 -17.73 6.54
C CYS B 299 -7.63 -18.99 6.78
N ASN B 300 -7.26 -19.72 7.82
CA ASN B 300 -8.01 -20.88 8.29
C ASN B 300 -8.17 -20.79 9.79
N VAL B 301 -9.26 -21.35 10.30
CA VAL B 301 -9.54 -21.38 11.73
C VAL B 301 -9.67 -22.83 12.17
N TRP B 302 -8.63 -23.35 12.79
CA TRP B 302 -8.60 -24.72 13.26
C TRP B 302 -9.12 -24.78 14.69
N ASP B 303 -9.64 -25.96 15.06
CA ASP B 303 -10.08 -26.23 16.41
C ASP B 303 -8.91 -26.82 17.19
N ALA B 304 -8.39 -26.05 18.16
CA ALA B 304 -7.14 -26.43 18.82
C ALA B 304 -7.24 -27.79 19.50
N LEU B 305 -8.43 -28.16 19.97
CA LEU B 305 -8.56 -29.39 20.74
C LEU B 305 -9.01 -30.56 19.87
N LYS B 306 -9.78 -30.29 18.81
CA LYS B 306 -10.31 -31.36 17.97
C LYS B 306 -9.56 -31.51 16.66
N ALA B 307 -8.74 -30.54 16.27
CA ALA B 307 -7.93 -30.61 15.05
C ALA B 307 -8.78 -30.69 13.80
N ASP B 308 -10.01 -30.17 13.87
CA ASP B 308 -10.92 -30.14 12.73
C ASP B 308 -11.17 -28.70 12.30
N ARG B 309 -11.02 -28.44 11.00
CA ARG B 309 -11.20 -27.09 10.48
C ARG B 309 -12.64 -26.62 10.74
N ALA B 310 -12.78 -25.35 11.11
CA ALA B 310 -14.08 -24.81 11.48
C ALA B 310 -14.44 -23.53 10.75
N GLY B 311 -13.59 -23.02 9.87
CA GLY B 311 -13.92 -21.81 9.14
C GLY B 311 -12.86 -21.46 8.13
N VAL B 312 -13.13 -20.41 7.36
CA VAL B 312 -12.25 -19.93 6.31
C VAL B 312 -12.45 -18.42 6.19
N LEU B 313 -11.36 -17.68 6.05
CA LEU B 313 -11.42 -16.23 5.88
C LEU B 313 -10.76 -15.90 4.54
N ALA B 314 -11.57 -15.95 3.48
CA ALA B 314 -11.07 -15.72 2.11
C ALA B 314 -11.56 -14.36 1.64
N GLY B 315 -10.76 -13.33 1.90
CA GLY B 315 -11.06 -11.99 1.45
C GLY B 315 -9.92 -11.35 0.70
N HIS B 316 -8.72 -11.92 0.85
CA HIS B 316 -7.51 -11.31 0.31
C HIS B 316 -7.25 -11.80 -1.10
N ASP B 317 -6.53 -10.99 -1.89
CA ASP B 317 -6.21 -11.34 -3.26
C ASP B 317 -4.84 -11.99 -3.41
N ASN B 318 -3.95 -11.79 -2.44
CA ASN B 318 -2.61 -12.34 -2.47
C ASN B 318 -2.29 -12.99 -1.11
N ARG B 319 -1.12 -13.61 -1.04
CA ARG B 319 -0.67 -14.30 0.16
C ARG B 319 -0.81 -13.40 1.39
N VAL B 320 -1.28 -13.98 2.49
CA VAL B 320 -1.44 -13.25 3.75
C VAL B 320 -0.12 -13.39 4.49
N SER B 321 0.52 -12.26 4.75
CA SER B 321 1.85 -12.28 5.34
C SER B 321 1.81 -12.11 6.85
N CYS B 322 0.80 -11.42 7.38
CA CYS B 322 0.75 -11.17 8.81
C CYS B 322 -0.66 -11.39 9.33
N LEU B 323 -0.76 -11.68 10.62
CA LEU B 323 -2.04 -11.98 11.25
C LEU B 323 -1.91 -11.73 12.74
N GLY B 324 -2.95 -11.18 13.35
CA GLY B 324 -2.92 -10.82 14.76
C GLY B 324 -4.29 -10.80 15.38
N VAL B 325 -4.32 -11.06 16.69
CA VAL B 325 -5.55 -11.14 17.46
C VAL B 325 -5.42 -10.17 18.64
N THR B 326 -6.47 -9.38 18.86
CA THR B 326 -6.44 -8.39 19.93
C THR B 326 -6.32 -9.07 21.29
N ASP B 327 -5.98 -8.28 22.30
CA ASP B 327 -5.84 -8.81 23.66
C ASP B 327 -7.19 -9.22 24.22
N ASP B 328 -8.23 -8.45 23.92
CA ASP B 328 -9.58 -8.79 24.36
C ASP B 328 -10.30 -9.75 23.42
N GLY B 329 -9.64 -10.20 22.36
CA GLY B 329 -10.25 -11.17 21.46
C GLY B 329 -11.40 -10.64 20.65
N MET B 330 -11.53 -9.32 20.52
CA MET B 330 -12.70 -8.76 19.89
C MET B 330 -12.63 -8.82 18.37
N ALA B 331 -11.42 -8.86 17.81
CA ALA B 331 -11.25 -8.83 16.36
C ALA B 331 -9.99 -9.58 15.96
N VAL B 332 -9.83 -9.77 14.65
CA VAL B 332 -8.66 -10.41 14.07
C VAL B 332 -8.22 -9.61 12.86
N ALA B 333 -7.01 -9.09 12.90
CA ALA B 333 -6.47 -8.34 11.77
C ALA B 333 -5.61 -9.26 10.93
N THR B 334 -5.75 -9.17 9.61
CA THR B 334 -4.92 -9.93 8.69
C THR B 334 -4.41 -9.02 7.59
N GLY B 335 -3.12 -9.14 7.29
CA GLY B 335 -2.50 -8.33 6.26
C GLY B 335 -1.83 -9.20 5.21
N SER B 336 -2.06 -8.85 3.95
CA SER B 336 -1.61 -9.64 2.82
C SER B 336 -0.67 -8.82 1.93
N TRP B 337 -0.21 -9.44 0.86
CA TRP B 337 0.76 -8.84 -0.05
C TRP B 337 0.12 -7.92 -1.09
N ASP B 338 -1.12 -7.48 -0.85
CA ASP B 338 -1.81 -6.60 -1.80
C ASP B 338 -2.11 -5.23 -1.20
N SER B 339 -1.44 -4.87 -0.11
CA SER B 339 -1.52 -3.56 0.53
C SER B 339 -2.85 -3.34 1.25
N PHE B 340 -3.61 -4.40 1.50
CA PHE B 340 -4.86 -4.31 2.23
C PHE B 340 -4.78 -5.21 3.45
N LEU B 341 -5.04 -4.64 4.63
CA LEU B 341 -5.20 -5.42 5.84
C LEU B 341 -6.62 -5.22 6.36
N LYS B 342 -7.29 -6.33 6.65
CA LYS B 342 -8.70 -6.34 6.98
C LYS B 342 -8.91 -6.79 8.43
N ILE B 343 -10.01 -6.32 9.01
CA ILE B 343 -10.34 -6.59 10.40
C ILE B 343 -11.60 -7.44 10.40
N TRP B 344 -11.43 -8.74 10.63
CA TRP B 344 -12.56 -9.65 10.72
C TRP B 344 -13.08 -9.72 12.14
N ASN B 345 -14.39 -9.94 12.26
CA ASN B 345 -15.05 -10.00 13.55
C ASN B 345 -16.26 -10.92 13.50
N GLN C 10 32.49 -26.58 20.39
CA GLN C 10 32.20 -27.19 19.10
C GLN C 10 31.51 -28.53 19.27
N ALA C 11 32.24 -29.50 19.85
CA ALA C 11 31.66 -30.82 20.05
C ALA C 11 31.22 -31.00 21.50
N ARG C 12 31.92 -30.38 22.45
CA ARG C 12 31.57 -30.54 23.86
C ARG C 12 30.29 -29.78 24.20
N LYS C 13 30.02 -28.68 23.50
CA LYS C 13 28.84 -27.88 23.80
C LYS C 13 27.55 -28.65 23.52
N LEU C 14 27.52 -29.37 22.39
CA LEU C 14 26.33 -30.16 22.06
C LEU C 14 26.08 -31.24 23.10
N VAL C 15 27.14 -31.92 23.52
CA VAL C 15 27.00 -32.97 24.53
C VAL C 15 26.55 -32.38 25.86
N GLU C 16 27.08 -31.21 26.22
CA GLU C 16 26.68 -30.57 27.47
C GLU C 16 25.21 -30.17 27.45
N GLN C 17 24.75 -29.63 26.31
CA GLN C 17 23.35 -29.23 26.22
C GLN C 17 22.43 -30.43 26.17
N LEU C 18 22.88 -31.52 25.55
CA LEU C 18 22.09 -32.76 25.55
C LEU C 18 21.98 -33.32 26.97
N LYS C 19 23.07 -33.26 27.73
CA LYS C 19 23.03 -33.71 29.12
C LYS C 19 22.13 -32.83 29.96
N MET C 20 22.11 -31.52 29.67
CA MET C 20 21.24 -30.61 30.39
C MET C 20 19.77 -30.92 30.10
N GLU C 21 19.44 -31.10 28.82
CA GLU C 21 18.04 -31.35 28.45
C GLU C 21 17.61 -32.77 28.81
N ALA C 22 18.57 -33.68 29.03
CA ALA C 22 18.22 -35.07 29.32
C ALA C 22 17.56 -35.21 30.68
N ASN C 23 18.23 -34.71 31.73
CA ASN C 23 17.71 -34.82 33.09
C ASN C 23 16.76 -33.66 33.37
N ILE C 24 15.58 -33.76 32.77
CA ILE C 24 14.52 -32.77 32.93
C ILE C 24 13.26 -33.48 33.39
N ASP C 25 12.44 -32.78 34.18
CA ASP C 25 11.22 -33.37 34.70
C ASP C 25 10.13 -33.36 33.64
N ARG C 26 9.46 -34.50 33.46
CA ARG C 26 8.36 -34.62 32.51
C ARG C 26 7.14 -35.17 33.23
N ILE C 27 5.97 -34.89 32.66
CA ILE C 27 4.70 -35.38 33.16
C ILE C 27 4.01 -36.17 32.06
N LYS C 28 2.93 -36.84 32.43
CA LYS C 28 2.17 -37.61 31.46
C LYS C 28 1.46 -36.67 30.47
N VAL C 29 1.21 -37.19 29.26
CA VAL C 29 0.51 -36.39 28.26
C VAL C 29 -0.95 -36.19 28.66
N SER C 30 -1.54 -37.18 29.32
CA SER C 30 -2.94 -37.05 29.73
C SER C 30 -3.13 -35.88 30.68
N LYS C 31 -2.16 -35.63 31.57
CA LYS C 31 -2.26 -34.51 32.48
C LYS C 31 -2.24 -33.17 31.74
N ALA C 32 -1.33 -33.02 30.77
CA ALA C 32 -1.24 -31.81 29.98
C ALA C 32 -2.52 -31.60 29.19
N ALA C 33 -3.06 -32.68 28.61
CA ALA C 33 -4.31 -32.57 27.86
C ALA C 33 -5.47 -32.16 28.77
N ALA C 34 -5.53 -32.72 29.98
CA ALA C 34 -6.60 -32.38 30.91
C ALA C 34 -6.51 -30.92 31.31
N ASP C 35 -5.29 -30.44 31.61
CA ASP C 35 -5.13 -29.04 31.98
C ASP C 35 -5.43 -28.11 30.81
N LEU C 36 -5.10 -28.54 29.60
CA LEU C 36 -5.40 -27.73 28.42
C LEU C 36 -6.90 -27.60 28.21
N MET C 37 -7.62 -28.72 28.32
CA MET C 37 -9.07 -28.68 28.24
C MET C 37 -9.68 -27.84 29.36
N ALA C 38 -9.13 -27.95 30.58
CA ALA C 38 -9.66 -27.17 31.70
C ALA C 38 -9.51 -25.68 31.44
N TYR C 39 -8.36 -25.27 30.91
CA TYR C 39 -8.18 -23.85 30.60
C TYR C 39 -9.10 -23.41 29.46
N CYS C 40 -9.25 -24.26 28.44
CA CYS C 40 -10.12 -23.91 27.32
C CYS C 40 -11.56 -23.76 27.78
N GLU C 41 -11.96 -24.54 28.79
CA GLU C 41 -13.35 -24.50 29.25
C GLU C 41 -13.58 -23.34 30.21
N ALA C 42 -12.66 -23.12 31.15
CA ALA C 42 -12.88 -22.12 32.19
C ALA C 42 -12.98 -20.71 31.62
N HIS C 43 -12.35 -20.46 30.48
CA HIS C 43 -12.36 -19.14 29.86
C HIS C 43 -13.13 -19.11 28.54
N ALA C 44 -14.07 -20.04 28.35
CA ALA C 44 -14.78 -20.10 27.08
C ALA C 44 -15.86 -19.04 26.98
N LYS C 45 -16.36 -18.55 28.12
CA LYS C 45 -17.44 -17.57 28.09
C LYS C 45 -16.94 -16.23 27.56
N GLU C 46 -15.76 -15.80 27.99
CA GLU C 46 -15.20 -14.50 27.57
C GLU C 46 -14.25 -14.70 26.38
N ASP C 47 -14.81 -15.16 25.27
CA ASP C 47 -14.06 -15.37 24.03
C ASP C 47 -14.91 -14.85 22.88
N PRO C 48 -14.82 -13.55 22.58
CA PRO C 48 -15.73 -12.98 21.56
C PRO C 48 -15.62 -13.60 20.18
N LEU C 49 -14.58 -14.42 19.94
CA LEU C 49 -14.47 -15.08 18.64
C LEU C 49 -15.23 -16.40 18.62
N LEU C 50 -15.24 -17.09 19.76
CA LEU C 50 -15.96 -18.36 19.88
C LEU C 50 -17.45 -18.12 20.03
N THR C 51 -17.83 -17.34 21.05
CA THR C 51 -19.21 -16.97 21.32
C THR C 51 -19.37 -15.48 21.05
N PRO C 52 -19.75 -15.08 19.83
CA PRO C 52 -19.79 -13.65 19.50
C PRO C 52 -20.73 -12.88 20.40
N VAL C 53 -20.34 -11.65 20.72
CA VAL C 53 -21.14 -10.76 21.56
C VAL C 53 -22.27 -10.17 20.71
N PRO C 54 -23.33 -9.64 21.31
CA PRO C 54 -24.38 -9.00 20.51
C PRO C 54 -23.86 -7.79 19.75
N ALA C 55 -24.71 -7.27 18.86
CA ALA C 55 -24.30 -6.19 17.99
C ALA C 55 -24.08 -4.88 18.75
N SER C 56 -24.48 -4.84 20.03
CA SER C 56 -24.30 -3.62 20.81
C SER C 56 -22.90 -3.56 21.41
N GLU C 57 -22.30 -4.71 21.68
CA GLU C 57 -20.99 -4.73 22.32
C GLU C 57 -19.85 -4.64 21.32
N ASN C 58 -20.09 -5.00 20.07
CA ASN C 58 -19.05 -4.94 19.05
C ASN C 58 -18.63 -3.50 18.79
N PRO C 59 -17.34 -3.18 18.84
CA PRO C 59 -16.92 -1.81 18.51
C PRO C 59 -16.79 -1.58 17.02
N PHE C 60 -16.81 -2.62 16.20
CA PHE C 60 -16.70 -2.48 14.76
C PHE C 60 -18.07 -2.71 14.09
N VAL D 2 9.73 24.03 21.22
CA VAL D 2 8.60 24.23 22.12
C VAL D 2 8.68 25.62 22.75
N GLN D 3 8.64 26.65 21.92
CA GLN D 3 8.66 28.04 22.38
C GLN D 3 7.87 28.92 21.42
N LEU D 4 6.92 29.66 21.97
CA LEU D 4 6.13 30.65 21.23
C LEU D 4 6.47 32.03 21.75
N VAL D 5 6.65 32.98 20.84
CA VAL D 5 6.98 34.36 21.18
C VAL D 5 6.05 35.26 20.39
N GLU D 6 5.22 36.03 21.08
CA GLU D 6 4.30 36.94 20.41
C GLU D 6 4.99 38.28 20.15
N SER D 7 4.44 39.02 19.18
CA SER D 7 4.99 40.32 18.80
C SER D 7 3.87 41.17 18.24
N GLY D 8 3.87 42.45 18.62
CA GLY D 8 2.80 43.37 18.26
C GLY D 8 2.36 44.18 19.47
N GLY D 9 1.11 44.59 19.49
CA GLY D 9 0.57 45.28 20.65
C GLY D 9 0.85 46.77 20.68
N GLY D 10 0.83 47.36 21.86
CA GLY D 10 1.01 48.79 22.02
C GLY D 10 -0.33 49.53 22.11
N LEU D 11 -0.24 50.85 22.03
CA LEU D 11 -1.43 51.68 22.10
C LEU D 11 -1.93 51.94 20.69
N VAL D 12 -3.24 51.82 20.49
CA VAL D 12 -3.86 51.97 19.18
C VAL D 12 -5.13 52.80 19.35
N GLN D 13 -5.32 53.76 18.45
CA GLN D 13 -6.54 54.55 18.47
C GLN D 13 -7.72 53.70 18.01
N PRO D 14 -8.93 53.95 18.52
CA PRO D 14 -10.06 53.09 18.16
C PRO D 14 -10.41 53.19 16.68
N GLY D 15 -10.58 52.03 16.05
CA GLY D 15 -10.89 51.94 14.64
C GLY D 15 -9.71 51.59 13.76
N GLY D 16 -8.48 51.80 14.23
CA GLY D 16 -7.31 51.49 13.43
C GLY D 16 -7.11 49.98 13.28
N SER D 17 -6.27 49.61 12.33
CA SER D 17 -5.95 48.21 12.10
C SER D 17 -4.62 47.86 12.74
N ARG D 18 -4.33 46.56 12.78
CA ARG D 18 -3.11 46.08 13.42
C ARG D 18 -2.85 44.65 12.99
N LYS D 19 -1.64 44.16 13.26
CA LYS D 19 -1.28 42.76 13.03
C LYS D 19 -0.51 42.23 14.24
N LEU D 20 -0.74 40.96 14.57
CA LEU D 20 0.00 40.27 15.60
C LEU D 20 0.73 39.09 14.98
N SER D 21 2.01 38.94 15.33
CA SER D 21 2.86 37.90 14.75
C SER D 21 3.43 37.04 15.86
N CYS D 22 3.17 35.74 15.79
CA CYS D 22 3.70 34.78 16.76
C CYS D 22 4.73 33.90 16.09
N SER D 23 5.94 33.90 16.62
CA SER D 23 7.03 33.07 16.12
C SER D 23 7.12 31.80 16.95
N ALA D 24 7.18 30.66 16.27
CA ALA D 24 7.19 29.35 16.91
C ALA D 24 8.51 28.67 16.58
N SER D 25 9.24 28.23 17.60
CA SER D 25 10.52 27.56 17.41
C SER D 25 10.64 26.37 18.34
N GLY D 26 11.19 25.28 17.79
CA GLY D 26 11.53 24.11 18.56
C GLY D 26 10.66 22.90 18.29
N PHE D 27 9.59 23.04 17.52
CA PHE D 27 8.70 21.92 17.24
C PHE D 27 8.28 21.95 15.77
N ALA D 28 7.48 20.96 15.38
CA ALA D 28 6.98 20.83 14.01
C ALA D 28 5.73 21.67 13.85
N PHE D 29 5.93 22.98 13.65
CA PHE D 29 4.82 23.92 13.60
C PHE D 29 3.83 23.58 12.48
N SER D 30 4.29 22.96 11.40
CA SER D 30 3.40 22.69 10.28
C SER D 30 2.39 21.60 10.61
N SER D 31 2.57 20.89 11.72
CA SER D 31 1.68 19.80 12.10
C SER D 31 0.83 20.12 13.32
N PHE D 32 0.69 21.39 13.69
CA PHE D 32 -0.07 21.79 14.86
C PHE D 32 -1.12 22.82 14.49
N GLY D 33 -2.36 22.57 14.90
CA GLY D 33 -3.36 23.62 14.82
C GLY D 33 -3.11 24.69 15.87
N MET D 34 -3.51 25.92 15.54
CA MET D 34 -3.22 27.05 16.38
C MET D 34 -4.50 27.78 16.79
N HIS D 35 -4.51 28.27 18.02
CA HIS D 35 -5.62 29.05 18.56
C HIS D 35 -5.09 30.41 19.02
N TRP D 36 -5.93 31.42 18.87
CA TRP D 36 -5.70 32.74 19.45
C TRP D 36 -6.79 32.91 20.51
N VAL D 37 -6.37 33.01 21.77
CA VAL D 37 -7.28 33.07 22.90
C VAL D 37 -6.93 34.34 23.68
N ARG D 38 -7.91 35.23 23.83
CA ARG D 38 -7.59 36.50 24.46
C ARG D 38 -7.99 36.49 25.94
N GLN D 39 -7.51 37.52 26.65
CA GLN D 39 -7.78 37.67 28.07
C GLN D 39 -7.90 39.14 28.41
N ALA D 40 -9.05 39.51 28.98
CA ALA D 40 -9.34 40.89 29.36
C ALA D 40 -8.43 41.32 30.51
N PRO D 41 -8.41 42.62 30.88
CA PRO D 41 -7.54 43.05 31.99
C PRO D 41 -7.69 42.23 33.26
N GLU D 42 -8.91 42.09 33.78
CA GLU D 42 -9.14 41.35 35.00
C GLU D 42 -10.12 40.18 34.86
N LYS D 43 -10.61 39.91 33.65
CA LYS D 43 -11.58 38.83 33.48
C LYS D 43 -10.87 37.54 33.09
N GLY D 44 -11.67 36.53 32.73
CA GLY D 44 -11.14 35.24 32.37
C GLY D 44 -10.77 35.13 30.91
N LEU D 45 -10.47 33.89 30.49
CA LEU D 45 -10.07 33.64 29.12
C LEU D 45 -11.30 33.48 28.23
N GLU D 46 -11.13 33.83 26.95
CA GLU D 46 -12.15 33.64 25.94
C GLU D 46 -11.48 33.38 24.59
N TRP D 47 -12.03 32.44 23.83
CA TRP D 47 -11.40 32.02 22.59
C TRP D 47 -11.77 32.97 21.46
N VAL D 48 -10.79 33.28 20.60
CA VAL D 48 -10.96 34.30 19.58
C VAL D 48 -10.90 33.70 18.18
N ALA D 49 -9.89 32.88 17.91
CA ALA D 49 -9.75 32.34 16.56
C ALA D 49 -9.05 30.99 16.59
N TYR D 50 -9.23 30.22 15.51
CA TYR D 50 -8.60 28.91 15.38
C TYR D 50 -8.33 28.61 13.92
N ILE D 51 -7.13 28.11 13.63
CA ILE D 51 -6.75 27.69 12.28
C ILE D 51 -6.05 26.34 12.38
N SER D 52 -6.54 25.37 11.62
CA SER D 52 -6.04 24.00 11.73
C SER D 52 -4.73 23.85 10.97
N SER D 53 -4.25 22.59 10.91
CA SER D 53 -3.03 22.30 10.19
C SER D 53 -3.29 22.24 8.69
N GLY D 54 -2.57 23.07 7.94
CA GLY D 54 -2.78 23.20 6.51
C GLY D 54 -3.79 24.24 6.12
N SER D 55 -4.29 25.03 7.07
CA SER D 55 -5.26 26.11 6.83
C SER D 55 -6.55 25.62 6.20
N GLY D 56 -6.83 24.32 6.28
CA GLY D 56 -8.02 23.78 5.65
C GLY D 56 -9.30 24.10 6.40
N THR D 57 -9.19 24.49 7.67
CA THR D 57 -10.36 24.74 8.51
C THR D 57 -10.06 25.93 9.42
N ILE D 58 -10.93 26.94 9.39
CA ILE D 58 -10.74 28.16 10.15
C ILE D 58 -12.05 28.51 10.86
N TYR D 59 -11.95 28.87 12.14
CA TYR D 59 -13.12 29.26 12.93
C TYR D 59 -12.83 30.54 13.70
N TYR D 60 -13.89 31.29 13.96
CA TYR D 60 -13.81 32.53 14.73
C TYR D 60 -14.91 32.56 15.78
N ALA D 61 -14.73 33.41 16.77
CA ALA D 61 -15.81 33.71 17.71
C ALA D 61 -16.71 34.78 17.12
N ASP D 62 -17.96 34.82 17.61
CA ASP D 62 -18.94 35.76 17.05
C ASP D 62 -18.62 37.20 17.42
N THR D 63 -17.89 37.41 18.52
CA THR D 63 -17.56 38.77 18.93
C THR D 63 -16.43 39.35 18.07
N VAL D 64 -15.75 38.50 17.30
CA VAL D 64 -14.65 38.94 16.45
C VAL D 64 -14.84 38.49 15.00
N LYS D 65 -16.00 37.93 14.66
CA LYS D 65 -16.23 37.44 13.32
C LYS D 65 -16.45 38.60 12.35
N GLY D 66 -15.69 38.62 11.27
CA GLY D 66 -15.85 39.63 10.24
C GLY D 66 -14.76 40.68 10.20
N ARG D 67 -14.27 41.08 11.37
CA ARG D 67 -13.24 42.10 11.47
C ARG D 67 -11.87 41.51 11.82
N PHE D 68 -11.73 40.19 11.82
CA PHE D 68 -10.48 39.52 12.14
C PHE D 68 -10.13 38.55 11.02
N THR D 69 -8.85 38.35 10.79
CA THR D 69 -8.37 37.38 9.81
C THR D 69 -7.18 36.65 10.40
N ILE D 70 -7.13 35.33 10.25
CA ILE D 70 -6.05 34.52 10.78
C ILE D 70 -5.34 33.83 9.61
N SER D 71 -4.03 33.66 9.74
CA SER D 71 -3.25 32.98 8.72
C SER D 71 -1.97 32.45 9.32
N ARG D 72 -1.26 31.64 8.55
CA ARG D 72 -0.01 31.03 9.00
C ARG D 72 0.97 30.97 7.84
N ASP D 73 2.25 31.05 8.18
CA ASP D 73 3.35 30.92 7.21
C ASP D 73 4.20 29.76 7.70
N ASP D 74 4.12 28.63 7.00
CA ASP D 74 4.75 27.39 7.44
C ASP D 74 6.26 27.38 7.21
N PRO D 75 6.77 27.79 6.04
CA PRO D 75 8.23 27.86 5.89
C PRO D 75 8.90 28.77 6.90
N LYS D 76 8.37 29.97 7.11
CA LYS D 76 8.93 30.89 8.09
C LYS D 76 8.52 30.57 9.51
N ASN D 77 7.55 29.68 9.70
CA ASN D 77 7.09 29.25 11.02
C ASN D 77 6.56 30.45 11.84
N THR D 78 5.52 31.07 11.30
CA THR D 78 4.90 32.22 11.96
C THR D 78 3.39 32.12 11.86
N LEU D 79 2.71 32.80 12.78
CA LEU D 79 1.25 32.86 12.81
C LEU D 79 0.83 34.32 12.85
N PHE D 80 -0.07 34.70 11.94
CA PHE D 80 -0.45 36.09 11.73
C PHE D 80 -1.92 36.29 12.06
N LEU D 81 -2.23 37.34 12.81
CA LEU D 81 -3.60 37.74 13.08
C LEU D 81 -3.78 39.20 12.67
N GLN D 82 -4.52 39.43 11.60
CA GLN D 82 -4.83 40.77 11.12
C GLN D 82 -6.14 41.24 11.75
N MET D 83 -6.06 42.34 12.51
CA MET D 83 -7.22 42.91 13.20
C MET D 83 -7.61 44.20 12.51
N THR D 84 -8.91 44.40 12.31
CA THR D 84 -9.43 45.59 11.67
C THR D 84 -10.52 46.21 12.54
N SER D 85 -10.52 47.54 12.61
CA SER D 85 -11.50 48.31 13.38
C SER D 85 -11.52 47.86 14.84
N LEU D 86 -10.39 48.07 15.52
CA LEU D 86 -10.25 47.72 16.93
C LEU D 86 -11.20 48.55 17.79
N ARG D 87 -12.16 47.89 18.43
CA ARG D 87 -13.07 48.57 19.32
C ARG D 87 -12.43 48.77 20.69
N SER D 88 -13.20 49.38 21.60
CA SER D 88 -12.73 49.59 22.97
C SER D 88 -12.83 48.33 23.82
N GLU D 89 -13.39 47.24 23.29
CA GLU D 89 -13.53 46.00 24.05
C GLU D 89 -12.42 45.01 23.75
N ASP D 90 -11.48 45.35 22.87
CA ASP D 90 -10.37 44.46 22.53
C ASP D 90 -9.08 44.79 23.26
N THR D 91 -9.15 45.58 24.33
CA THR D 91 -7.98 45.90 25.15
C THR D 91 -7.67 44.67 25.99
N ALA D 92 -6.98 43.71 25.39
CA ALA D 92 -6.74 42.42 26.02
C ALA D 92 -5.34 41.94 25.69
N MET D 93 -4.87 40.97 26.46
CA MET D 93 -3.53 40.38 26.29
C MET D 93 -3.70 39.03 25.61
N TYR D 94 -3.52 39.01 24.29
CA TYR D 94 -3.83 37.80 23.53
C TYR D 94 -2.74 36.77 23.73
N TYR D 95 -3.13 35.50 23.82
CA TYR D 95 -2.21 34.38 23.89
C TYR D 95 -2.39 33.50 22.65
N CYS D 96 -1.30 32.83 22.29
CA CYS D 96 -1.29 31.91 21.16
C CYS D 96 -1.02 30.50 21.68
N VAL D 97 -1.89 29.57 21.32
CA VAL D 97 -1.85 28.20 21.85
C VAL D 97 -1.71 27.24 20.69
N ARG D 98 -0.97 26.16 20.90
CA ARG D 98 -0.85 25.08 19.92
C ARG D 98 -1.62 23.86 20.40
N SER D 99 -2.14 23.08 19.46
CA SER D 99 -2.90 21.88 19.78
C SER D 99 -2.90 20.95 18.59
N ILE D 100 -2.72 19.66 18.85
CA ILE D 100 -2.70 18.63 17.82
C ILE D 100 -3.75 17.59 18.19
N TYR D 101 -4.59 17.22 17.22
CA TYR D 101 -5.74 16.34 17.45
C TYR D 101 -5.51 15.00 16.77
N TYR D 102 -5.17 13.99 17.55
CA TYR D 102 -5.23 12.60 17.14
C TYR D 102 -5.60 11.77 18.35
N TYR D 103 -5.89 10.48 18.11
CA TYR D 103 -6.32 9.61 19.19
C TYR D 103 -5.24 9.50 20.27
N GLY D 104 -5.55 10.02 21.45
CA GLY D 104 -4.64 9.97 22.57
C GLY D 104 -3.80 11.22 22.76
N SER D 105 -4.08 12.30 22.02
CA SER D 105 -3.28 13.51 22.12
C SER D 105 -3.80 14.40 23.24
N SER D 106 -2.98 15.38 23.64
CA SER D 106 -3.34 16.34 24.67
C SER D 106 -3.35 17.73 24.08
N PRO D 107 -4.44 18.17 23.44
CA PRO D 107 -4.47 19.51 22.87
C PRO D 107 -4.40 20.59 23.95
N PHE D 108 -4.11 21.81 23.49
CA PHE D 108 -3.95 22.97 24.37
C PHE D 108 -2.86 22.76 25.42
N ASP D 109 -1.85 21.96 25.09
CA ASP D 109 -0.87 21.55 26.09
C ASP D 109 0.12 22.68 26.39
N PHE D 110 0.57 23.40 25.37
CA PHE D 110 1.61 24.40 25.52
C PHE D 110 1.10 25.77 25.09
N TRP D 111 0.95 26.67 26.05
CA TRP D 111 0.66 28.08 25.80
C TRP D 111 1.97 28.85 25.69
N GLY D 112 1.88 30.05 25.14
CA GLY D 112 3.04 30.91 25.04
C GLY D 112 2.72 32.30 25.57
N GLN D 113 3.78 33.05 25.84
CA GLN D 113 3.61 34.42 26.29
C GLN D 113 2.96 35.25 25.19
N GLY D 114 2.24 36.29 25.59
CA GLY D 114 1.45 37.08 24.66
C GLY D 114 1.71 38.56 24.82
N THR D 115 1.30 39.32 23.80
CA THR D 115 1.47 40.76 23.81
C THR D 115 0.27 41.44 24.46
N THR D 116 0.46 42.70 24.83
CA THR D 116 -0.55 43.50 25.52
C THR D 116 -0.93 44.69 24.65
N LEU D 117 -2.21 44.79 24.30
CA LEU D 117 -2.73 45.89 23.50
C LEU D 117 -3.40 46.91 24.41
N THR D 118 -3.65 48.10 23.88
CA THR D 118 -4.42 49.13 24.57
C THR D 118 -5.16 49.95 23.52
N VAL D 119 -6.44 49.66 23.33
CA VAL D 119 -7.28 50.35 22.36
C VAL D 119 -8.04 51.42 23.11
N SER D 120 -7.48 52.63 23.15
CA SER D 120 -8.11 53.74 23.86
C SER D 120 -9.42 54.17 23.20
N SER D 136 -27.18 27.58 21.21
CA SER D 136 -26.30 28.74 21.24
C SER D 136 -24.90 28.37 21.69
N ASP D 137 -24.44 28.98 22.78
CA ASP D 137 -23.10 28.76 23.32
C ASP D 137 -23.22 28.14 24.70
N ILE D 138 -22.35 27.17 24.99
CA ILE D 138 -22.36 26.51 26.29
C ILE D 138 -21.77 27.47 27.31
N VAL D 139 -22.61 28.01 28.18
CA VAL D 139 -22.16 28.94 29.22
C VAL D 139 -21.75 28.10 30.43
N MET D 140 -20.45 27.87 30.54
CA MET D 140 -19.91 27.14 31.68
C MET D 140 -19.66 28.10 32.82
N THR D 141 -19.97 27.67 34.05
CA THR D 141 -19.83 28.51 35.22
C THR D 141 -19.20 27.73 36.36
N GLN D 142 -18.43 28.44 37.18
CA GLN D 142 -17.83 27.92 38.40
C GLN D 142 -18.20 28.87 39.53
N ALA D 143 -19.32 28.58 40.21
CA ALA D 143 -19.87 29.52 41.18
C ALA D 143 -18.88 29.81 42.31
N THR D 144 -17.97 28.88 42.60
CA THR D 144 -16.96 29.12 43.61
C THR D 144 -15.99 30.20 43.14
N SER D 145 -16.09 31.39 43.71
CA SER D 145 -15.23 32.49 43.34
C SER D 145 -13.83 32.30 43.91
N SER D 146 -13.73 32.21 45.24
CA SER D 146 -12.48 32.03 45.94
C SER D 146 -12.64 30.94 47.00
N VAL D 147 -11.65 30.07 47.11
CA VAL D 147 -11.66 28.96 48.05
C VAL D 147 -10.43 29.09 48.94
N PRO D 148 -10.58 29.06 50.26
CA PRO D 148 -9.41 29.11 51.15
C PRO D 148 -8.68 27.79 51.14
N VAL D 149 -7.35 27.84 51.12
CA VAL D 149 -6.50 26.66 50.99
C VAL D 149 -5.38 26.73 52.01
N THR D 150 -5.05 25.58 52.60
CA THR D 150 -3.94 25.42 53.52
C THR D 150 -2.95 24.40 52.95
N PRO D 151 -1.64 24.68 53.03
CA PRO D 151 -0.66 23.77 52.44
C PRO D 151 -0.69 22.40 53.10
N GLY D 152 -0.82 21.37 52.27
CA GLY D 152 -0.86 20.00 52.75
C GLY D 152 -2.24 19.41 52.94
N GLU D 153 -3.29 20.17 52.62
CA GLU D 153 -4.67 19.72 52.80
C GLU D 153 -5.33 19.55 51.44
N SER D 154 -6.11 18.48 51.29
CA SER D 154 -6.80 18.23 50.02
C SER D 154 -7.90 19.26 49.80
N VAL D 155 -7.94 19.82 48.60
CA VAL D 155 -8.95 20.81 48.22
C VAL D 155 -9.64 20.34 46.96
N SER D 156 -10.74 21.02 46.63
CA SER D 156 -11.55 20.64 45.49
C SER D 156 -12.12 21.87 44.80
N ILE D 157 -12.27 21.76 43.48
CA ILE D 157 -12.86 22.79 42.64
C ILE D 157 -13.99 22.14 41.84
N SER D 158 -15.10 22.87 41.68
CA SER D 158 -16.28 22.35 41.02
C SER D 158 -16.59 23.19 39.78
N CYS D 159 -16.86 22.51 38.67
CA CYS D 159 -17.24 23.17 37.42
C CYS D 159 -18.55 22.57 36.93
N ARG D 160 -19.43 23.42 36.42
CA ARG D 160 -20.75 23.01 35.96
C ARG D 160 -20.95 23.46 34.52
N SER D 161 -21.45 22.54 33.69
CA SER D 161 -21.70 22.80 32.29
C SER D 161 -23.19 22.95 32.02
N SER D 162 -23.53 23.77 31.03
CA SER D 162 -24.92 23.96 30.66
C SER D 162 -25.55 22.66 30.18
N LYS D 163 -24.96 22.03 29.17
CA LYS D 163 -25.43 20.78 28.62
C LYS D 163 -24.42 19.68 28.89
N SER D 164 -24.80 18.45 28.55
CA SER D 164 -23.95 17.29 28.81
C SER D 164 -22.75 17.31 27.86
N LEU D 165 -21.55 17.18 28.41
CA LEU D 165 -20.34 17.18 27.60
C LEU D 165 -19.99 15.78 27.11
N LEU D 166 -20.54 14.75 27.75
CA LEU D 166 -20.27 13.37 27.36
C LEU D 166 -20.77 13.10 25.95
N HIS D 167 -19.86 12.85 25.02
CA HIS D 167 -20.24 12.60 23.64
C HIS D 167 -20.59 11.12 23.45
N SER D 168 -20.93 10.77 22.21
CA SER D 168 -21.33 9.40 21.89
C SER D 168 -20.18 8.43 22.11
N ASN D 169 -18.95 8.83 21.80
CA ASN D 169 -17.81 7.94 21.93
C ASN D 169 -17.24 7.89 23.33
N GLY D 170 -17.94 8.41 24.34
CA GLY D 170 -17.48 8.29 25.71
C GLY D 170 -16.42 9.27 26.12
N ASN D 171 -16.04 10.20 25.25
CA ASN D 171 -15.03 11.21 25.55
C ASN D 171 -15.74 12.48 26.00
N THR D 172 -15.61 12.81 27.28
CA THR D 172 -16.13 14.05 27.83
C THR D 172 -15.07 15.12 27.69
N TYR D 173 -15.32 16.09 26.82
CA TYR D 173 -14.34 17.15 26.55
C TYR D 173 -14.27 18.29 27.56
N LEU D 174 -13.64 18.03 28.70
CA LEU D 174 -13.45 19.05 29.72
C LEU D 174 -11.97 19.20 30.01
N TYR D 175 -11.47 20.44 29.98
CA TYR D 175 -10.07 20.70 30.23
C TYR D 175 -9.87 21.59 31.45
N TRP D 176 -8.74 21.44 32.11
CA TRP D 176 -8.46 22.27 33.28
C TRP D 176 -7.13 22.98 33.11
N PHE D 177 -7.14 24.30 33.25
CA PHE D 177 -5.95 25.13 33.11
C PHE D 177 -5.66 25.85 34.43
N LEU D 178 -4.37 26.00 34.74
CA LEU D 178 -3.90 26.68 35.94
C LEU D 178 -3.05 27.86 35.52
N GLN D 179 -3.42 29.06 35.97
CA GLN D 179 -2.67 30.28 35.68
C GLN D 179 -2.05 30.79 36.97
N ARG D 180 -0.72 30.83 37.01
CA ARG D 180 -0.02 31.41 38.14
C ARG D 180 0.10 32.92 37.97
N PRO D 181 0.26 33.67 39.07
CA PRO D 181 0.30 35.14 38.97
C PRO D 181 1.43 35.64 38.07
N GLY D 182 1.06 36.27 36.96
CA GLY D 182 2.04 36.86 36.07
C GLY D 182 2.68 35.90 35.09
N GLN D 183 2.01 34.80 34.76
CA GLN D 183 2.53 33.83 33.81
C GLN D 183 1.41 33.34 32.91
N SER D 184 1.75 32.47 31.97
CA SER D 184 0.76 31.91 31.08
C SER D 184 0.17 30.64 31.68
N PRO D 185 -1.12 30.37 31.46
CA PRO D 185 -1.71 29.15 32.01
C PRO D 185 -1.16 27.90 31.32
N GLN D 186 -1.30 26.77 32.01
CA GLN D 186 -0.80 25.50 31.51
C GLN D 186 -1.87 24.43 31.67
N LEU D 187 -1.74 23.35 30.91
CA LEU D 187 -2.72 22.28 30.87
C LEU D 187 -2.51 21.34 32.05
N LEU D 188 -3.47 21.30 32.96
CA LEU D 188 -3.42 20.38 34.08
C LEU D 188 -3.95 19.00 33.68
N ILE D 189 -5.22 18.94 33.27
CA ILE D 189 -5.89 17.69 32.95
C ILE D 189 -6.72 17.89 31.69
N TYR D 190 -6.65 16.93 30.78
CA TYR D 190 -7.40 16.94 29.54
C TYR D 190 -8.36 15.76 29.50
N ARG D 191 -9.52 15.97 28.89
CA ARG D 191 -10.65 15.03 28.90
C ARG D 191 -11.01 14.57 30.32
N MET D 192 -10.79 15.43 31.33
CA MET D 192 -11.31 15.36 32.69
C MET D 192 -10.75 14.21 33.50
N SER D 193 -9.98 13.31 32.89
CA SER D 193 -9.50 12.12 33.58
C SER D 193 -8.01 11.86 33.38
N ASN D 194 -7.41 12.39 32.31
CA ASN D 194 -6.03 12.09 31.95
C ASN D 194 -5.15 13.23 32.44
N LEU D 195 -4.11 12.89 33.20
CA LEU D 195 -3.17 13.88 33.70
C LEU D 195 -2.19 14.26 32.60
N ALA D 196 -1.93 15.56 32.46
CA ALA D 196 -1.01 16.03 31.43
C ALA D 196 0.43 15.72 31.81
N SER D 197 1.30 15.73 30.81
CA SER D 197 2.72 15.47 31.05
C SER D 197 3.36 16.64 31.78
N GLY D 198 4.26 16.32 32.70
CA GLY D 198 4.92 17.34 33.49
C GLY D 198 4.11 17.87 34.65
N VAL D 199 3.00 17.23 34.98
CA VAL D 199 2.14 17.65 36.09
C VAL D 199 2.28 16.64 37.22
N PRO D 200 2.48 17.08 38.46
CA PRO D 200 2.59 16.13 39.58
C PRO D 200 1.34 15.28 39.71
N ASP D 201 1.53 14.05 40.20
CA ASP D 201 0.45 13.08 40.30
C ASP D 201 -0.55 13.43 41.40
N ARG D 202 -0.35 14.53 42.13
CA ARG D 202 -1.27 14.89 43.20
C ARG D 202 -2.58 15.44 42.65
N PHE D 203 -2.56 16.06 41.48
CA PHE D 203 -3.79 16.53 40.85
C PHE D 203 -4.62 15.35 40.36
N SER D 204 -5.94 15.51 40.35
CA SER D 204 -6.82 14.49 39.81
C SER D 204 -8.13 15.13 39.40
N GLY D 205 -8.86 14.46 38.51
CA GLY D 205 -10.14 14.96 38.06
C GLY D 205 -11.17 13.86 37.91
N SER D 206 -12.39 14.09 38.41
CA SER D 206 -13.45 13.08 38.37
C SER D 206 -14.79 13.76 38.49
N GLY D 207 -15.73 13.38 37.64
CA GLY D 207 -17.06 13.97 37.66
C GLY D 207 -18.04 13.25 36.76
N SER D 208 -19.31 13.66 36.84
CA SER D 208 -20.33 13.14 35.95
C SER D 208 -20.81 14.23 35.01
N GLY D 209 -21.72 13.90 34.09
CA GLY D 209 -22.23 14.85 33.14
C GLY D 209 -22.69 16.16 33.76
N THR D 210 -22.17 17.27 33.23
CA THR D 210 -22.48 18.65 33.64
C THR D 210 -21.96 19.00 35.03
N ALA D 211 -21.32 18.08 35.74
CA ALA D 211 -20.83 18.35 37.09
C ALA D 211 -19.47 17.67 37.27
N PHE D 212 -18.40 18.45 37.17
CA PHE D 212 -17.04 17.92 37.19
C PHE D 212 -16.28 18.50 38.38
N THR D 213 -15.33 17.73 38.91
CA THR D 213 -14.57 18.14 40.08
C THR D 213 -13.09 17.88 39.86
N LEU D 214 -12.29 18.82 40.36
CA LEU D 214 -10.83 18.74 40.38
C LEU D 214 -10.37 18.62 41.83
N THR D 215 -9.62 17.58 42.13
CA THR D 215 -9.18 17.29 43.49
C THR D 215 -7.67 17.42 43.58
N ILE D 216 -7.20 18.18 44.57
CA ILE D 216 -5.78 18.35 44.84
C ILE D 216 -5.47 17.75 46.20
N SER D 217 -4.43 16.92 46.25
CA SER D 217 -4.00 16.28 47.49
C SER D 217 -2.60 16.75 47.85
N ARG D 218 -2.40 17.06 49.12
CA ARG D 218 -1.13 17.56 49.64
C ARG D 218 -0.65 18.77 48.84
N LEU D 219 -1.42 19.85 48.94
CA LEU D 219 -1.13 21.08 48.23
C LEU D 219 0.28 21.56 48.53
N GLU D 220 1.02 21.91 47.48
CA GLU D 220 2.41 22.32 47.62
C GLU D 220 2.61 23.75 47.15
N ALA D 221 3.86 24.19 47.10
CA ALA D 221 4.16 25.55 46.68
C ALA D 221 3.90 25.73 45.17
N GLU D 222 3.87 26.98 44.75
CA GLU D 222 3.61 27.37 43.36
C GLU D 222 2.26 26.86 42.86
N ASP D 223 1.31 26.65 43.77
CA ASP D 223 -0.02 26.18 43.41
C ASP D 223 -1.08 27.27 43.53
N VAL D 224 -0.71 28.47 44.00
CA VAL D 224 -1.65 29.57 44.11
C VAL D 224 -1.85 30.15 42.71
N GLY D 225 -3.11 30.29 42.31
CA GLY D 225 -3.43 30.82 41.01
C GLY D 225 -4.91 30.72 40.71
N VAL D 226 -5.24 30.79 39.42
CA VAL D 226 -6.61 30.70 38.95
C VAL D 226 -6.78 29.40 38.18
N TYR D 227 -7.98 28.82 38.26
CA TYR D 227 -8.29 27.55 37.62
C TYR D 227 -9.46 27.75 36.66
N TYR D 228 -9.28 27.33 35.40
CA TYR D 228 -10.29 27.49 34.36
C TYR D 228 -10.70 26.13 33.83
N CYS D 229 -11.99 25.93 33.61
CA CYS D 229 -12.52 24.74 32.98
C CYS D 229 -13.09 25.10 31.62
N MET D 230 -12.65 24.41 30.57
CA MET D 230 -12.96 24.74 29.19
C MET D 230 -13.62 23.53 28.50
N GLN D 231 -14.67 23.79 27.72
CA GLN D 231 -15.31 22.75 26.94
C GLN D 231 -14.84 22.79 25.48
N HIS D 232 -14.95 21.65 24.80
CA HIS D 232 -14.38 21.47 23.47
C HIS D 232 -15.37 20.76 22.55
N LEU D 233 -16.63 21.19 22.53
CA LEU D 233 -17.69 20.48 21.82
C LEU D 233 -18.07 21.13 20.49
N GLU D 234 -18.42 22.41 20.48
CA GLU D 234 -19.05 22.99 19.30
C GLU D 234 -18.21 24.06 18.62
N TYR D 235 -17.02 24.37 19.15
CA TYR D 235 -16.10 25.42 18.74
C TYR D 235 -16.61 26.86 18.78
N PRO D 236 -17.45 27.27 19.75
CA PRO D 236 -17.23 28.58 20.37
C PRO D 236 -16.53 28.42 21.71
N LEU D 237 -15.31 27.88 21.71
CA LEU D 237 -14.70 27.35 22.93
C LEU D 237 -14.82 28.33 24.09
N THR D 238 -15.64 27.97 25.07
CA THR D 238 -15.96 28.83 26.20
C THR D 238 -15.19 28.37 27.42
N PHE D 239 -14.53 29.31 28.09
CA PHE D 239 -13.82 29.02 29.33
C PHE D 239 -14.73 29.29 30.52
N GLY D 240 -14.24 28.98 31.71
CA GLY D 240 -14.96 29.27 32.91
C GLY D 240 -14.64 30.64 33.47
N ALA D 241 -15.37 31.01 34.53
CA ALA D 241 -15.10 32.30 35.18
C ALA D 241 -13.77 32.28 35.92
N GLY D 242 -13.40 31.14 36.51
CA GLY D 242 -12.14 31.02 37.20
C GLY D 242 -12.28 31.05 38.71
N THR D 243 -11.50 30.20 39.40
CA THR D 243 -11.48 30.14 40.85
C THR D 243 -10.05 30.38 41.33
N LYS D 244 -9.90 31.35 42.24
CA LYS D 244 -8.59 31.73 42.75
C LYS D 244 -8.42 31.18 44.16
N LEU D 245 -7.39 30.36 44.34
CA LEU D 245 -7.08 29.78 45.65
C LEU D 245 -6.19 30.75 46.40
N GLU D 246 -6.77 31.48 47.35
CA GLU D 246 -6.06 32.48 48.13
C GLU D 246 -5.74 31.94 49.51
N LEU D 247 -4.52 32.20 49.97
CA LEU D 247 -4.07 31.75 51.27
C LEU D 247 -4.73 32.53 52.39
N LEU E 5 -20.02 13.51 14.47
CA LEU E 5 -18.61 13.65 14.78
C LEU E 5 -18.36 14.82 15.71
N SER E 6 -17.65 14.56 16.82
CA SER E 6 -17.33 15.61 17.78
C SER E 6 -16.32 16.58 17.18
N ALA E 7 -16.02 17.63 17.95
CA ALA E 7 -15.12 18.66 17.47
C ALA E 7 -13.70 18.14 17.27
N GLU E 8 -13.29 17.20 18.11
CA GLU E 8 -11.92 16.68 18.03
C GLU E 8 -11.80 15.62 16.95
N ASP E 9 -12.86 14.86 16.70
CA ASP E 9 -12.78 13.77 15.73
C ASP E 9 -12.63 14.31 14.31
N LYS E 10 -13.28 15.44 14.01
CA LYS E 10 -13.16 16.03 12.69
C LYS E 10 -11.71 16.43 12.40
N ALA E 11 -11.02 16.98 13.39
CA ALA E 11 -9.62 17.33 13.20
C ALA E 11 -8.77 16.08 13.02
N ALA E 12 -9.17 14.98 13.65
CA ALA E 12 -8.47 13.71 13.45
C ALA E 12 -8.64 13.22 12.01
N VAL E 13 -9.86 13.34 11.47
CA VAL E 13 -10.08 12.94 10.08
C VAL E 13 -9.31 13.85 9.14
N GLU E 14 -9.19 15.14 9.49
CA GLU E 14 -8.41 16.05 8.66
C GLU E 14 -6.93 15.68 8.68
N ARG E 15 -6.41 15.33 9.85
CA ARG E 15 -5.02 14.88 9.94
C ARG E 15 -4.81 13.60 9.15
N SER E 16 -5.77 12.68 9.21
CA SER E 16 -5.66 11.45 8.43
C SER E 16 -5.69 11.73 6.93
N LYS E 17 -6.51 12.68 6.50
CA LYS E 17 -6.55 13.03 5.08
C LYS E 17 -5.24 13.66 4.62
N MET E 18 -4.64 14.50 5.47
CA MET E 18 -3.33 15.06 5.15
C MET E 18 -2.29 13.96 5.05
N ILE E 19 -2.31 13.01 5.99
CA ILE E 19 -1.38 11.89 5.96
C ILE E 19 -1.53 11.11 4.66
N ASP E 20 -2.78 10.87 4.24
CA ASP E 20 -3.01 10.11 3.02
C ASP E 20 -2.58 10.88 1.78
N ARG E 21 -2.75 12.20 1.77
CA ARG E 21 -2.25 13.01 0.67
C ARG E 21 -0.74 12.89 0.56
N ASN E 22 -0.03 12.99 1.69
CA ASN E 22 1.42 12.84 1.66
C ASN E 22 1.81 11.44 1.21
N LEU E 23 1.04 10.43 1.61
CA LEU E 23 1.32 9.07 1.17
C LEU E 23 1.18 8.93 -0.33
N ARG E 24 0.14 9.54 -0.92
CA ARG E 24 -0.05 9.46 -2.35
C ARG E 24 1.08 10.17 -3.10
N GLU E 25 1.50 11.33 -2.61
CA GLU E 25 2.60 12.04 -3.23
C GLU E 25 3.88 11.20 -3.20
N ASP E 26 4.24 10.68 -2.03
CA ASP E 26 5.44 9.85 -1.95
C ASP E 26 5.31 8.58 -2.76
N GLY E 27 4.09 8.06 -2.91
CA GLY E 27 3.91 6.86 -3.70
C GLY E 27 4.15 7.11 -5.18
N GLU E 28 3.65 8.22 -5.71
CA GLU E 28 3.96 8.54 -7.09
C GLU E 28 5.45 8.83 -7.27
N LYS E 29 6.06 9.53 -6.31
CA LYS E 29 7.47 9.85 -6.42
C LYS E 29 8.33 8.58 -6.41
N ALA E 30 7.89 7.55 -5.69
CA ALA E 30 8.62 6.29 -5.69
C ALA E 30 8.19 5.41 -6.87
N ARG E 31 7.08 5.77 -7.51
CA ARG E 31 6.70 5.07 -8.74
C ARG E 31 7.54 5.53 -9.93
N ARG E 32 8.04 6.76 -9.91
CA ARG E 32 8.95 7.20 -10.98
C ARG E 32 10.16 6.28 -11.10
N GLU E 33 10.81 5.97 -9.98
CA GLU E 33 12.14 5.35 -10.04
C GLU E 33 12.07 3.86 -10.32
N LEU E 34 13.19 3.32 -10.82
CA LEU E 34 13.35 1.90 -11.10
C LEU E 34 14.38 1.29 -10.16
N LYS E 35 14.24 -0.01 -9.92
CA LYS E 35 15.13 -0.77 -9.05
C LYS E 35 15.77 -1.91 -9.82
N LEU E 36 17.10 -1.99 -9.77
CA LEU E 36 17.85 -3.13 -10.26
C LEU E 36 18.48 -3.83 -9.08
N LEU E 37 18.65 -5.15 -9.18
CA LEU E 37 19.24 -5.96 -8.13
C LEU E 37 20.59 -6.50 -8.60
N LEU E 38 21.67 -6.00 -8.01
CA LEU E 38 23.02 -6.43 -8.39
C LEU E 38 23.39 -7.63 -7.54
N LEU E 39 23.82 -8.72 -8.18
CA LEU E 39 24.10 -9.99 -7.52
C LEU E 39 25.50 -10.44 -7.92
N GLY E 40 26.50 -10.00 -7.17
CA GLY E 40 27.86 -10.44 -7.41
C GLY E 40 28.08 -11.86 -6.94
N THR E 41 28.95 -12.58 -7.67
CA THR E 41 29.34 -13.92 -7.28
C THR E 41 30.56 -13.86 -6.36
N GLY E 42 31.15 -15.03 -6.12
CA GLY E 42 32.33 -15.12 -5.28
C GLY E 42 33.56 -14.49 -5.91
N GLU E 43 34.20 -13.58 -5.17
CA GLU E 43 35.37 -12.82 -5.62
C GLU E 43 35.28 -12.44 -7.09
N SER E 44 34.15 -11.84 -7.47
CA SER E 44 33.96 -11.36 -8.84
C SER E 44 34.34 -9.90 -9.01
N GLY E 45 34.77 -9.24 -7.93
CA GLY E 45 35.18 -7.86 -8.00
C GLY E 45 34.06 -6.91 -8.35
N LYS E 46 33.05 -6.81 -7.48
CA LYS E 46 31.96 -5.87 -7.70
C LYS E 46 32.08 -4.60 -6.87
N SER E 47 33.13 -4.48 -6.06
CA SER E 47 33.37 -3.22 -5.36
C SER E 47 33.95 -2.17 -6.31
N THR E 48 35.07 -2.49 -6.95
CA THR E 48 35.63 -1.62 -7.97
C THR E 48 34.67 -1.40 -9.13
N PHE E 49 33.78 -2.36 -9.40
CA PHE E 49 32.76 -2.17 -10.43
C PHE E 49 31.86 -1.00 -10.10
N ILE E 50 31.24 -1.02 -8.91
CA ILE E 50 30.37 0.08 -8.52
C ILE E 50 31.17 1.36 -8.36
N LYS E 51 32.43 1.26 -7.93
CA LYS E 51 33.25 2.46 -7.79
C LYS E 51 33.47 3.13 -9.16
N GLN E 52 33.87 2.33 -10.15
CA GLN E 52 34.07 2.85 -11.50
C GLN E 52 32.78 3.42 -12.07
N MET E 53 31.66 2.77 -11.80
CA MET E 53 30.39 3.28 -12.32
C MET E 53 30.02 4.60 -11.66
N ARG E 54 30.20 4.71 -10.34
CA ARG E 54 29.79 5.91 -9.63
C ARG E 54 30.73 7.08 -9.92
N ILE E 55 31.99 6.78 -10.22
CA ILE E 55 32.97 7.86 -10.35
C ILE E 55 32.76 8.63 -11.66
N ILE E 56 32.34 7.94 -12.72
CA ILE E 56 32.13 8.61 -13.99
C ILE E 56 30.69 9.11 -14.10
N HIS E 57 30.43 10.27 -13.49
CA HIS E 57 29.17 11.02 -13.60
C HIS E 57 27.96 10.08 -13.65
N GLY E 58 27.86 9.25 -12.63
CA GLY E 58 26.77 8.29 -12.54
C GLY E 58 25.43 8.92 -12.18
N GLY E 182 24.94 -5.59 5.75
CA GLY E 182 23.95 -4.56 5.49
C GLY E 182 23.67 -4.36 4.02
N ILE E 183 22.39 -4.32 3.65
CA ILE E 183 22.02 -4.03 2.28
C ILE E 183 22.44 -2.60 1.94
N ILE E 184 22.76 -2.35 0.68
CA ILE E 184 23.21 -1.04 0.23
C ILE E 184 22.40 -0.64 -0.99
N GLU E 185 22.17 0.66 -1.15
CA GLU E 185 21.47 1.20 -2.31
C GLU E 185 22.26 2.35 -2.89
N TYR E 186 22.64 2.24 -4.16
CA TYR E 186 23.29 3.33 -4.87
C TYR E 186 22.30 3.92 -5.87
N PRO E 187 21.96 5.20 -5.74
CA PRO E 187 21.06 5.83 -6.72
C PRO E 187 21.83 6.46 -7.87
N PHE E 188 21.35 6.23 -9.09
CA PHE E 188 21.94 6.81 -10.30
C PHE E 188 20.86 7.65 -10.98
N ASP E 189 21.09 8.96 -11.07
CA ASP E 189 20.17 9.86 -11.75
C ASP E 189 20.56 9.93 -13.21
N LEU E 190 19.82 9.23 -14.07
CA LEU E 190 20.16 9.12 -15.49
C LEU E 190 19.05 9.74 -16.33
N GLN E 191 19.28 10.98 -16.78
CA GLN E 191 18.43 11.63 -17.77
C GLN E 191 16.95 11.55 -17.41
N SER E 192 16.57 12.18 -16.31
CA SER E 192 15.21 12.19 -15.79
C SER E 192 14.70 10.81 -15.42
N VAL E 193 15.60 9.85 -15.19
CA VAL E 193 15.26 8.52 -14.71
C VAL E 193 16.21 8.18 -13.57
N ILE E 194 15.67 7.59 -12.50
CA ILE E 194 16.44 7.29 -11.30
C ILE E 194 16.48 5.78 -11.13
N PHE E 195 17.66 5.20 -11.24
CA PHE E 195 17.88 3.79 -10.96
C PHE E 195 18.38 3.62 -9.53
N ARG E 196 18.05 2.49 -8.93
CA ARG E 196 18.59 2.13 -7.63
C ARG E 196 19.24 0.75 -7.73
N MET E 197 20.55 0.69 -7.54
CA MET E 197 21.30 -0.56 -7.62
C MET E 197 21.33 -1.18 -6.23
N VAL E 198 20.30 -1.98 -5.92
CA VAL E 198 20.22 -2.66 -4.64
C VAL E 198 21.28 -3.76 -4.61
N ASP E 199 22.22 -3.67 -3.67
CA ASP E 199 23.29 -4.62 -3.51
C ASP E 199 23.14 -5.31 -2.16
N VAL E 200 22.97 -6.64 -2.20
CA VAL E 200 22.92 -7.45 -0.98
C VAL E 200 24.33 -7.93 -0.65
N GLY E 201 25.10 -7.08 0.04
CA GLY E 201 26.50 -7.36 0.27
C GLY E 201 26.76 -8.51 1.22
N GLY E 202 26.40 -8.35 2.48
CA GLY E 202 26.65 -9.38 3.47
C GLY E 202 25.37 -9.97 4.05
N GLN E 203 25.10 -11.22 3.70
CA GLN E 203 23.92 -11.93 4.20
C GLN E 203 24.26 -13.40 4.38
N ARG E 204 24.01 -13.92 5.58
CA ARG E 204 24.20 -15.33 5.90
C ARG E 204 22.86 -16.07 5.89
N SER E 205 21.96 -15.68 4.99
CA SER E 205 20.55 -16.05 5.09
C SER E 205 20.09 -16.97 3.96
N GLU E 206 21.01 -17.60 3.24
CA GLU E 206 20.76 -18.67 2.27
C GLU E 206 19.87 -18.25 1.11
N ARG E 207 19.48 -16.97 1.03
CA ARG E 207 18.83 -16.39 -0.14
C ARG E 207 17.41 -16.90 -0.36
N ARG E 208 16.97 -17.86 0.44
CA ARG E 208 15.66 -18.46 0.18
C ARG E 208 14.55 -17.71 0.91
N LYS E 209 14.93 -16.84 1.84
CA LYS E 209 13.93 -16.25 2.73
C LYS E 209 13.64 -14.80 2.36
N TRP E 210 14.66 -14.04 1.97
CA TRP E 210 14.48 -12.62 1.71
C TRP E 210 14.42 -12.28 0.23
N ILE E 211 14.62 -13.26 -0.65
CA ILE E 211 14.64 -12.97 -2.08
C ILE E 211 13.27 -12.54 -2.59
N HIS E 212 12.18 -13.00 -1.97
CA HIS E 212 10.86 -12.60 -2.43
C HIS E 212 10.59 -11.12 -2.19
N CYS E 213 11.46 -10.43 -1.46
CA CYS E 213 11.35 -8.97 -1.37
C CYS E 213 11.57 -8.33 -2.73
N PHE E 214 12.45 -8.92 -3.55
CA PHE E 214 12.76 -8.38 -4.87
C PHE E 214 11.94 -9.09 -5.95
N GLU E 215 10.62 -8.94 -5.86
CA GLU E 215 9.72 -9.53 -6.84
C GLU E 215 9.37 -8.56 -7.96
N ASN E 216 9.49 -7.25 -7.74
CA ASN E 216 9.12 -6.25 -8.73
C ASN E 216 10.31 -5.55 -9.36
N VAL E 217 11.54 -6.07 -9.14
CA VAL E 217 12.71 -5.43 -9.73
C VAL E 217 12.64 -5.53 -11.25
N THR E 218 13.10 -4.47 -11.91
CA THR E 218 13.02 -4.41 -13.37
C THR E 218 13.93 -5.45 -14.02
N SER E 219 15.19 -5.51 -13.57
CA SER E 219 16.13 -6.45 -14.16
C SER E 219 17.22 -6.78 -13.16
N ILE E 220 17.63 -8.06 -13.13
CA ILE E 220 18.75 -8.47 -12.30
C ILE E 220 20.05 -8.14 -13.02
N MET E 221 21.11 -7.89 -12.25
CA MET E 221 22.43 -7.60 -12.78
C MET E 221 23.41 -8.61 -12.21
N PHE E 222 23.74 -9.62 -13.01
CA PHE E 222 24.56 -10.74 -12.55
C PHE E 222 25.99 -10.52 -13.02
N LEU E 223 26.90 -10.32 -12.07
CA LEU E 223 28.29 -10.03 -12.36
C LEU E 223 29.13 -11.28 -12.15
N VAL E 224 29.69 -11.80 -13.24
CA VAL E 224 30.57 -12.97 -13.20
C VAL E 224 31.99 -12.48 -13.49
N ALA E 225 32.96 -13.30 -13.12
CA ALA E 225 34.37 -13.04 -13.38
C ALA E 225 34.87 -14.02 -14.42
N LEU E 226 35.64 -13.52 -15.39
CA LEU E 226 36.12 -14.34 -16.50
C LEU E 226 37.42 -15.07 -16.18
N SER E 227 38.28 -14.50 -15.35
CA SER E 227 39.61 -15.03 -15.09
C SER E 227 39.63 -16.11 -14.01
N GLU E 228 38.46 -16.61 -13.61
CA GLU E 228 38.36 -17.56 -12.51
C GLU E 228 37.91 -18.94 -12.99
N TYR E 229 38.33 -19.33 -14.19
CA TYR E 229 38.06 -20.68 -14.67
C TYR E 229 39.14 -21.67 -14.25
N ASP E 230 40.15 -21.23 -13.51
CA ASP E 230 41.16 -22.10 -12.95
C ASP E 230 41.02 -22.28 -11.44
N GLN E 231 40.60 -21.25 -10.73
CA GLN E 231 40.54 -21.29 -9.27
C GLN E 231 39.60 -22.38 -8.79
N VAL E 232 40.03 -23.10 -7.76
CA VAL E 232 39.21 -24.15 -7.16
C VAL E 232 39.02 -23.88 -5.67
N ASN E 240 35.18 -26.30 -9.88
CA ASN E 240 35.89 -25.04 -9.74
C ASN E 240 34.94 -23.91 -9.38
N ARG E 241 35.47 -22.68 -9.36
CA ARG E 241 34.65 -21.53 -8.98
C ARG E 241 33.68 -21.15 -10.09
N MET E 242 34.06 -21.33 -11.35
CA MET E 242 33.20 -20.96 -12.45
C MET E 242 31.94 -21.83 -12.48
N GLU E 243 32.08 -23.12 -12.15
CA GLU E 243 30.91 -23.99 -12.07
C GLU E 243 29.99 -23.57 -10.94
N GLU E 244 30.56 -23.09 -9.82
CA GLU E 244 29.74 -22.56 -8.74
C GLU E 244 28.98 -21.32 -9.18
N SER E 245 29.65 -20.44 -9.94
CA SER E 245 28.97 -19.26 -10.47
C SER E 245 27.85 -19.66 -11.42
N LYS E 246 28.08 -20.70 -12.22
CA LYS E 246 27.03 -21.19 -13.12
C LYS E 246 25.83 -21.72 -12.33
N ALA E 247 26.09 -22.50 -11.28
CA ALA E 247 25.01 -23.03 -10.47
C ALA E 247 24.22 -21.89 -9.81
N LEU E 248 24.93 -20.91 -9.27
CA LEU E 248 24.27 -19.76 -8.67
C LEU E 248 23.40 -19.03 -9.69
N PHE E 249 23.94 -18.81 -10.90
CA PHE E 249 23.18 -18.16 -11.97
C PHE E 249 21.92 -18.94 -12.29
N ARG E 250 22.02 -20.26 -12.39
CA ARG E 250 20.85 -21.07 -12.73
C ARG E 250 19.80 -21.01 -11.64
N THR E 251 20.21 -21.14 -10.37
CA THR E 251 19.24 -21.06 -9.28
C THR E 251 18.56 -19.70 -9.24
N ILE E 252 19.32 -18.62 -9.40
CA ILE E 252 18.73 -17.29 -9.34
C ILE E 252 17.80 -17.06 -10.53
N ILE E 253 18.14 -17.64 -11.70
CA ILE E 253 17.35 -17.40 -12.88
C ILE E 253 16.10 -18.27 -12.93
N THR E 254 16.08 -19.37 -12.17
CA THR E 254 14.94 -20.28 -12.18
C THR E 254 13.94 -20.00 -11.05
N TYR E 255 14.15 -18.95 -10.25
CA TYR E 255 13.20 -18.61 -9.20
C TYR E 255 11.88 -18.16 -9.80
N PRO E 256 10.75 -18.44 -9.16
CA PRO E 256 9.46 -18.01 -9.72
C PRO E 256 9.17 -16.54 -9.51
N TRP E 257 9.95 -15.83 -8.71
CA TRP E 257 9.71 -14.40 -8.52
C TRP E 257 10.16 -13.60 -9.73
N PHE E 258 11.26 -14.02 -10.35
CA PHE E 258 11.79 -13.33 -11.53
C PHE E 258 11.27 -13.97 -12.81
N GLN E 259 10.03 -13.60 -13.16
CA GLN E 259 9.46 -13.97 -14.45
C GLN E 259 9.19 -12.76 -15.32
N ASN E 260 8.99 -11.59 -14.73
CA ASN E 260 8.80 -10.35 -15.46
C ASN E 260 10.01 -9.43 -15.36
N SER E 261 11.21 -10.00 -15.25
CA SER E 261 12.44 -9.23 -15.12
C SER E 261 13.54 -9.89 -15.95
N SER E 262 14.31 -9.06 -16.64
CA SER E 262 15.38 -9.57 -17.49
C SER E 262 16.65 -9.79 -16.68
N VAL E 263 17.69 -10.28 -17.35
CA VAL E 263 19.00 -10.52 -16.76
C VAL E 263 20.03 -9.73 -17.55
N ILE E 264 20.90 -9.04 -16.85
CA ILE E 264 22.00 -8.29 -17.45
C ILE E 264 23.28 -8.93 -16.96
N LEU E 265 23.97 -9.65 -17.85
CA LEU E 265 25.15 -10.43 -17.48
C LEU E 265 26.40 -9.61 -17.76
N PHE E 266 27.17 -9.32 -16.72
CA PHE E 266 28.40 -8.55 -16.83
C PHE E 266 29.59 -9.47 -16.58
N LEU E 267 30.43 -9.65 -17.59
CA LEU E 267 31.59 -10.54 -17.47
C LEU E 267 32.83 -9.69 -17.21
N ASN E 268 33.06 -9.37 -15.93
CA ASN E 268 34.16 -8.52 -15.54
C ASN E 268 35.50 -9.23 -15.74
N LYS E 269 36.59 -8.47 -15.59
CA LYS E 269 37.95 -8.99 -15.63
C LYS E 269 38.27 -9.59 -17.01
N LYS E 270 38.16 -8.76 -18.04
CA LYS E 270 38.45 -9.22 -19.39
C LYS E 270 39.94 -9.14 -19.70
N ASP E 271 40.59 -8.04 -19.29
CA ASP E 271 42.02 -7.89 -19.56
C ASP E 271 42.82 -8.98 -18.86
N LEU E 272 42.44 -9.33 -17.62
CA LEU E 272 43.13 -10.40 -16.92
C LEU E 272 42.92 -11.74 -17.61
N LEU E 273 41.81 -11.89 -18.33
CA LEU E 273 41.62 -13.10 -19.12
C LEU E 273 42.49 -13.10 -20.37
N GLU E 274 42.62 -11.94 -21.03
CA GLU E 274 43.54 -11.85 -22.16
C GLU E 274 44.96 -12.18 -21.72
N GLU E 275 45.37 -11.71 -20.55
CA GLU E 275 46.71 -11.99 -20.05
C GLU E 275 46.83 -13.42 -19.54
N LYS E 276 45.72 -14.00 -19.09
CA LYS E 276 45.70 -15.32 -18.46
C LYS E 276 45.36 -16.44 -19.42
N ILE E 277 44.85 -16.13 -20.61
CA ILE E 277 44.45 -17.19 -21.54
C ILE E 277 45.65 -18.00 -22.02
N MET E 278 46.83 -17.41 -22.04
CA MET E 278 48.04 -18.18 -22.30
C MET E 278 48.36 -19.05 -21.09
N TYR E 279 49.12 -20.12 -21.33
CA TYR E 279 49.59 -21.07 -20.32
C TYR E 279 48.46 -21.66 -19.47
N SER E 280 47.21 -21.48 -19.88
CA SER E 280 46.06 -21.95 -19.12
C SER E 280 45.39 -23.15 -19.77
N HIS E 281 45.01 -23.04 -21.03
CA HIS E 281 44.50 -24.18 -21.81
C HIS E 281 43.28 -24.80 -21.13
N LEU E 282 42.20 -24.02 -21.11
CA LEU E 282 40.97 -24.40 -20.42
C LEU E 282 40.33 -25.65 -21.02
N VAL E 283 40.99 -26.25 -22.02
CA VAL E 283 40.51 -27.50 -22.59
C VAL E 283 40.43 -28.61 -21.54
N ASP E 284 41.24 -28.52 -20.48
CA ASP E 284 41.21 -29.55 -19.45
C ASP E 284 40.32 -29.15 -18.26
N TYR E 285 40.21 -27.85 -17.99
CA TYR E 285 39.29 -27.41 -16.94
C TYR E 285 37.84 -27.64 -17.34
N PHE E 286 37.47 -27.26 -18.56
CA PHE E 286 36.11 -27.40 -19.09
C PHE E 286 36.08 -28.53 -20.13
N PRO E 287 34.92 -29.15 -20.35
CA PRO E 287 34.91 -30.45 -21.06
C PRO E 287 35.35 -30.40 -22.52
N GLU E 288 34.68 -29.64 -23.39
CA GLU E 288 34.92 -29.75 -24.82
C GLU E 288 35.81 -28.61 -25.27
N TYR E 289 35.38 -27.35 -25.18
CA TYR E 289 36.08 -26.20 -25.76
C TYR E 289 36.69 -26.55 -27.12
N ASP E 290 35.79 -26.94 -28.03
CA ASP E 290 36.20 -27.42 -29.36
C ASP E 290 37.07 -26.44 -30.12
N GLY E 291 37.13 -25.17 -29.69
CA GLY E 291 37.95 -24.18 -30.37
C GLY E 291 39.42 -24.43 -30.22
N PRO E 292 40.23 -23.49 -30.72
CA PRO E 292 41.69 -23.66 -30.65
C PRO E 292 42.22 -23.46 -29.23
N GLN E 293 43.24 -24.24 -28.89
CA GLN E 293 43.90 -24.10 -27.60
C GLN E 293 44.91 -22.96 -27.63
N ARG E 294 44.45 -21.76 -27.96
CA ARG E 294 45.33 -20.60 -28.12
C ARG E 294 44.70 -19.40 -27.42
N ASP E 295 45.28 -18.22 -27.64
CA ASP E 295 44.84 -16.98 -27.03
C ASP E 295 43.65 -16.35 -27.74
N ALA E 296 43.05 -17.07 -28.69
CA ALA E 296 41.91 -16.53 -29.43
C ALA E 296 40.75 -16.23 -28.49
N GLN E 297 39.90 -15.29 -28.91
CA GLN E 297 38.76 -14.89 -28.08
C GLN E 297 37.63 -15.89 -28.09
N ALA E 298 37.84 -17.09 -28.65
CA ALA E 298 36.81 -18.12 -28.57
C ALA E 298 36.56 -18.54 -27.13
N ALA E 299 37.49 -18.24 -26.22
CA ALA E 299 37.27 -18.52 -24.80
C ALA E 299 36.14 -17.65 -24.25
N ARG E 300 36.17 -16.35 -24.56
CA ARG E 300 35.11 -15.45 -24.12
C ARG E 300 33.76 -15.91 -24.65
N GLU E 301 33.70 -16.26 -25.93
CA GLU E 301 32.42 -16.66 -26.52
C GLU E 301 31.95 -18.00 -25.97
N PHE E 302 32.88 -18.91 -25.69
CA PHE E 302 32.51 -20.20 -25.13
C PHE E 302 31.98 -20.05 -23.71
N ILE E 303 32.61 -19.19 -22.92
CA ILE E 303 32.14 -18.95 -21.56
C ILE E 303 30.76 -18.28 -21.59
N LEU E 304 30.58 -17.33 -22.51
CA LEU E 304 29.27 -16.70 -22.66
C LEU E 304 28.21 -17.70 -23.11
N LYS E 305 28.59 -18.66 -23.96
CA LYS E 305 27.62 -19.67 -24.38
C LYS E 305 27.29 -20.61 -23.23
N MET E 306 28.26 -20.92 -22.37
CA MET E 306 27.98 -21.69 -21.17
C MET E 306 27.00 -20.96 -20.27
N PHE E 307 27.21 -19.65 -20.09
CA PHE E 307 26.39 -18.91 -19.13
C PHE E 307 25.03 -18.54 -19.72
N VAL E 308 24.90 -18.57 -21.05
CA VAL E 308 23.62 -18.23 -21.66
C VAL E 308 22.72 -19.46 -21.76
N ASP E 309 23.30 -20.63 -22.00
CA ASP E 309 22.51 -21.83 -22.24
C ASP E 309 21.79 -22.34 -21.00
N LEU E 310 21.93 -21.65 -19.86
CA LEU E 310 21.23 -22.08 -18.65
C LEU E 310 19.86 -21.44 -18.54
N ASN E 311 19.52 -20.55 -19.46
CA ASN E 311 18.25 -19.85 -19.38
C ASN E 311 17.11 -20.74 -19.87
N PRO E 312 15.99 -20.78 -19.15
CA PRO E 312 14.77 -21.34 -19.76
C PRO E 312 14.46 -20.61 -21.05
N ASP E 313 14.39 -21.37 -22.13
CA ASP E 313 14.49 -20.81 -23.47
C ASP E 313 13.26 -19.99 -23.86
N SER E 314 13.50 -19.04 -24.77
CA SER E 314 12.48 -18.42 -25.62
C SER E 314 11.58 -17.41 -24.93
N ASP E 315 11.71 -17.23 -23.61
CA ASP E 315 10.89 -16.21 -22.95
C ASP E 315 11.74 -15.05 -22.46
N LYS E 316 12.86 -15.35 -21.81
CA LYS E 316 13.73 -14.34 -21.23
C LYS E 316 14.97 -14.14 -22.10
N ILE E 317 15.38 -12.88 -22.23
CA ILE E 317 16.53 -12.50 -23.04
C ILE E 317 17.64 -12.02 -22.09
N ILE E 318 18.87 -12.42 -22.38
CA ILE E 318 20.02 -12.10 -21.55
C ILE E 318 20.82 -11.01 -22.26
N TYR E 319 21.05 -9.89 -21.56
CA TYR E 319 21.78 -8.75 -22.12
C TYR E 319 23.23 -8.83 -21.69
N SER E 320 23.97 -9.77 -22.29
CA SER E 320 25.36 -9.95 -21.96
C SER E 320 26.19 -8.72 -22.30
N HIS E 321 27.40 -8.66 -21.73
CA HIS E 321 28.32 -7.56 -21.92
C HIS E 321 29.67 -7.96 -21.36
N PHE E 322 30.74 -7.51 -22.00
CA PHE E 322 32.09 -7.83 -21.56
C PHE E 322 32.73 -6.56 -20.98
N THR E 323 32.80 -6.50 -19.66
CA THR E 323 33.24 -5.32 -18.92
C THR E 323 34.69 -5.50 -18.49
N CYS E 324 35.50 -4.46 -18.67
CA CYS E 324 36.85 -4.45 -18.16
C CYS E 324 36.91 -3.73 -16.82
N ALA E 325 38.09 -3.75 -16.21
CA ALA E 325 38.29 -2.98 -14.98
C ALA E 325 38.18 -1.48 -15.25
N THR E 326 38.72 -1.05 -16.40
CA THR E 326 38.60 0.35 -16.83
C THR E 326 37.74 0.39 -18.09
N ASP E 327 36.46 0.66 -17.88
CA ASP E 327 35.49 0.70 -18.97
C ASP E 327 34.41 1.70 -18.61
N THR E 328 34.17 2.67 -19.51
CA THR E 328 33.22 3.74 -19.24
C THR E 328 31.80 3.37 -19.66
N GLU E 329 31.64 2.49 -20.64
CA GLU E 329 30.34 2.20 -21.25
C GLU E 329 29.43 1.33 -20.38
N ASN E 330 29.69 1.11 -19.09
CA ASN E 330 28.83 0.24 -18.30
C ASN E 330 27.47 0.86 -18.05
N ILE E 331 27.46 2.14 -17.66
CA ILE E 331 26.19 2.80 -17.34
C ILE E 331 25.33 2.95 -18.59
N ARG E 332 25.96 3.23 -19.72
CA ARG E 332 25.20 3.33 -20.96
C ARG E 332 24.58 2.00 -21.34
N PHE E 333 25.30 0.90 -21.11
CA PHE E 333 24.74 -0.40 -21.42
C PHE E 333 23.62 -0.77 -20.47
N VAL E 334 23.74 -0.40 -19.20
CA VAL E 334 22.66 -0.65 -18.25
C VAL E 334 21.42 0.14 -18.66
N PHE E 335 21.61 1.40 -19.06
CA PHE E 335 20.50 2.21 -19.53
C PHE E 335 19.84 1.59 -20.75
N ALA E 336 20.64 1.13 -21.72
CA ALA E 336 20.09 0.52 -22.92
C ALA E 336 19.32 -0.75 -22.59
N ALA E 337 19.86 -1.59 -21.71
CA ALA E 337 19.19 -2.85 -21.39
C ALA E 337 17.89 -2.60 -20.64
N VAL E 338 17.87 -1.61 -19.74
CA VAL E 338 16.64 -1.31 -19.01
C VAL E 338 15.60 -0.72 -19.94
N LYS E 339 16.02 0.16 -20.85
CA LYS E 339 15.08 0.71 -21.81
C LYS E 339 14.49 -0.38 -22.71
N ASP E 340 15.32 -1.33 -23.14
CA ASP E 340 14.83 -2.42 -23.96
C ASP E 340 13.89 -3.33 -23.18
N THR E 341 14.18 -3.58 -21.90
CA THR E 341 13.28 -4.39 -21.09
C THR E 341 11.92 -3.73 -20.94
N ILE E 342 11.91 -2.43 -20.65
CA ILE E 342 10.64 -1.71 -20.51
C ILE E 342 9.90 -1.69 -21.85
N LEU E 343 10.63 -1.55 -22.96
CA LEU E 343 9.99 -1.52 -24.26
C LEU E 343 9.35 -2.87 -24.60
N GLN E 344 10.02 -3.97 -24.25
CA GLN E 344 9.44 -5.28 -24.53
C GLN E 344 8.24 -5.55 -23.63
N LEU E 345 8.31 -5.17 -22.36
CA LEU E 345 7.15 -5.31 -21.49
C LEU E 345 5.99 -4.46 -21.99
N ASN E 346 6.28 -3.28 -22.55
CA ASN E 346 5.22 -2.42 -23.07
C ASN E 346 4.60 -3.01 -24.33
N LEU E 347 5.42 -3.60 -25.20
CA LEU E 347 4.88 -4.30 -26.36
C LEU E 347 3.96 -5.44 -25.93
N LYS E 348 4.36 -6.18 -24.90
CA LYS E 348 3.53 -7.28 -24.43
C LYS E 348 2.23 -6.77 -23.81
N GLU E 349 2.30 -5.71 -23.01
CA GLU E 349 1.16 -5.26 -22.24
C GLU E 349 0.14 -4.49 -23.08
N TYR E 350 0.57 -3.78 -24.11
CA TYR E 350 -0.32 -2.93 -24.90
C TYR E 350 -0.92 -3.65 -26.09
N ASN E 351 -1.04 -4.98 -26.00
CA ASN E 351 -1.70 -5.79 -27.03
C ASN E 351 -0.98 -5.70 -28.37
N LEU E 352 0.16 -5.03 -28.41
CA LEU E 352 0.89 -4.81 -29.65
C LEU E 352 1.68 -6.04 -30.07
N VAL E 353 1.67 -7.11 -29.29
CA VAL E 353 2.38 -8.33 -29.65
C VAL E 353 1.83 -9.49 -28.82
N ASP F 1 -40.14 8.11 -54.48
CA ASP F 1 -39.19 9.17 -54.09
C ASP F 1 -38.20 8.65 -53.06
N TYS F 2 -38.26 9.26 -51.87
CA TYS F 2 -37.38 8.93 -50.75
CB TYS F 2 -37.67 7.51 -50.25
CG TYS F 2 -37.12 7.40 -48.84
CD1 TYS F 2 -36.05 6.55 -48.55
CD2 TYS F 2 -37.68 8.17 -47.84
CE1 TYS F 2 -35.56 6.47 -47.25
CE2 TYS F 2 -37.19 8.08 -46.54
CZ TYS F 2 -36.13 7.23 -46.24
OH TYS F 2 -35.66 7.16 -44.96
S TYS F 2 -34.64 8.16 -44.41
O1 TYS F 2 -34.56 8.03 -42.99
O2 TYS F 2 -35.11 9.68 -44.78
O3 TYS F 2 -33.35 7.89 -44.98
C TYS F 2 -35.94 9.04 -51.13
O TYS F 2 -35.32 8.05 -51.59
N MET F 3 -35.37 10.22 -50.93
CA MET F 3 -33.95 10.43 -51.20
C MET F 3 -33.08 9.75 -50.14
N GLY F 4 -33.68 9.48 -48.98
CA GLY F 4 -32.98 8.73 -47.96
C GLY F 4 -31.77 9.48 -47.44
N TRP F 5 -30.71 8.71 -47.22
CA TRP F 5 -29.41 9.23 -46.82
C TRP F 5 -29.38 10.16 -45.61
N MET F 6 -29.46 9.58 -44.43
CA MET F 6 -29.41 10.35 -43.20
C MET F 6 -28.03 10.17 -42.58
N ASP F 7 -27.02 10.64 -43.32
CA ASP F 7 -25.58 10.59 -42.99
C ASP F 7 -25.10 9.82 -41.75
N PHE F 8 -24.67 8.57 -42.00
CA PHE F 8 -24.17 7.64 -40.98
C PHE F 8 -24.91 7.68 -39.66
N NH2 F 9 -26.17 8.09 -39.70
#